data_8AVX
#
_entry.id   8AVX
#
_cell.length_a   1.00
_cell.length_b   1.00
_cell.length_c   1.00
_cell.angle_alpha   90.00
_cell.angle_beta   90.00
_cell.angle_gamma   90.00
#
_symmetry.space_group_name_H-M   'P 1'
#
loop_
_entity.id
_entity.type
_entity.pdbx_description
1 polymer 'Bacteriophytochrome,Response regulator'
2 non-polymer 'BILIVERDINE IX ALPHA'
#
_entity_poly.entity_id   1
_entity_poly.type   'polypeptide(L)'
_entity_poly.pdbx_seq_one_letter_code
;MASMTGGQQMGRGSMSRDPLPFFPPLYLGGPEITTENCEREPIHIPGSIQPHGALLTADGHSGEVLQMSLNAATFLGQEP
TVLRGQTLAALLPEQWPALQAALPPGCPDALQYRATLDWPAAGHLSLTVHRVGELLILEFEPTEAWDSTGPHALRNAMFA
LESAPNLRALAEVATQTVRELTGFDRVMLYKFAPDATGEVIAEARREGLHAFLGHRFPASDIPAQARALYTRHLLRLTAD
TRAAAVPLDPVLNPQTNAPTPLGGAVLRATSPMHMQYLRNMGVGSSLSVSVVVGGQLWGLIACHHQTPYVLPPDLRTTLE
YLGRLLSLQVQVKEAADVAAFRQSLREHHARVALAAAHSLSPHDTLSDPALDLLGLMRAGGLILRFEGRWQTLGEVPPAP
AVDALLAWLETQPGALVQTDALGQLWPAGADLAPSAAGLLAISVGEGWSECLVWLRPELRLEVAWGGATPDQAKDDLGPR
HSFDTYLEEKRGYAEPWHPGEIEEAQDLRDTLTGALGERLSVIRDLNRALTQSNAEWRQYGFVISHHMQEPVRLISQFAE
LLTRQPRAQDGSPDSPQTERITGFLLRETSRLRSLTQDLHTYTALLSAPPPVRRPTPLGRVVDDVLQDLEPRIADTGASI
EVAPELPVIAADAGLLRDLLLHLIGNALTFGGPEPRIAVRTERQGAGWSIAVSDQGAGIAPEYQERIFLLFQRLGSLDEA
LGNGLGLPLCRKIAELHGGTLTVESAPGEGSTFRCWLPDAGPLPGAADAASSAGGSAGSAGMPERASVPLRLLLVEDNAA
DIFLMEMALEYSSVHTELLVARDGLEALELLEQAKTGGPFPDLILLDLNMPRVDGFELLQALRADPHLAHLPAIVLTTSN
DPSDVKRAYALQANSYLTKPSTLEDFLQLIERLTAYWFGTAAIPQTYQPQLEHHHHHH
;
_entity_poly.pdbx_strand_id   A,B
#
# COMPACT_ATOMS: atom_id res chain seq x y z
N GLU A 36 -9.84 37.02 5.52
CA GLU A 36 -10.93 36.87 4.52
C GLU A 36 -10.36 36.33 3.20
N ASN A 37 -9.27 36.96 2.75
CA ASN A 37 -8.59 36.59 1.51
C ASN A 37 -7.25 35.93 1.85
N CYS A 38 -7.27 35.09 2.90
CA CYS A 38 -6.09 34.41 3.40
C CYS A 38 -5.96 33.03 2.77
N GLU A 39 -6.94 32.67 1.94
CA GLU A 39 -6.97 31.38 1.24
C GLU A 39 -6.50 31.56 -0.21
N ARG A 40 -6.09 32.79 -0.56
CA ARG A 40 -5.69 33.14 -1.90
C ARG A 40 -4.25 33.67 -1.92
N GLU A 41 -3.57 33.55 -0.76
CA GLU A 41 -2.21 34.03 -0.59
C GLU A 41 -1.24 33.07 -1.28
N PRO A 42 -0.34 33.56 -2.17
CA PRO A 42 0.64 32.70 -2.84
C PRO A 42 1.78 32.30 -1.91
N ILE A 43 1.70 31.06 -1.41
CA ILE A 43 2.66 30.51 -0.45
C ILE A 43 3.88 29.98 -1.20
N HIS A 44 3.69 29.66 -2.49
CA HIS A 44 4.69 29.03 -3.34
C HIS A 44 5.79 30.02 -3.72
N ILE A 45 5.45 31.31 -3.76
CA ILE A 45 6.38 32.38 -4.12
C ILE A 45 6.51 33.37 -2.96
N PRO A 46 7.42 33.13 -1.98
CA PRO A 46 7.69 34.12 -0.94
C PRO A 46 8.64 35.23 -1.41
N GLY A 47 9.64 34.85 -2.22
CA GLY A 47 10.67 35.75 -2.70
C GLY A 47 11.75 36.03 -1.65
N SER A 48 11.77 35.19 -0.61
CA SER A 48 12.72 35.29 0.51
C SER A 48 12.89 33.93 1.17
N ILE A 49 14.01 33.77 1.90
CA ILE A 49 14.39 32.50 2.53
C ILE A 49 14.58 32.70 4.04
N GLN A 50 14.80 31.59 4.75
CA GLN A 50 15.03 31.56 6.18
C GLN A 50 16.52 31.76 6.48
N PRO A 51 16.89 32.59 7.48
CA PRO A 51 18.29 32.95 7.71
C PRO A 51 19.09 31.96 8.56
N HIS A 52 19.40 30.80 7.98
CA HIS A 52 20.21 29.79 8.64
C HIS A 52 20.89 28.87 7.63
N GLY A 53 21.16 29.41 6.43
CA GLY A 53 21.80 28.67 5.35
C GLY A 53 22.14 29.57 4.15
N ALA A 54 22.15 28.98 2.95
CA ALA A 54 22.38 29.72 1.71
C ALA A 54 21.62 29.05 0.56
N LEU A 55 21.21 29.87 -0.42
CA LEU A 55 20.47 29.39 -1.57
C LEU A 55 20.95 30.09 -2.84
N LEU A 56 21.12 29.29 -3.90
CA LEU A 56 21.48 29.74 -5.23
C LEU A 56 20.62 29.01 -6.25
N THR A 57 20.10 29.77 -7.24
CA THR A 57 19.43 29.19 -8.39
C THR A 57 20.13 29.62 -9.67
N ALA A 58 20.47 28.64 -10.51
CA ALA A 58 21.26 28.84 -11.71
C ALA A 58 20.65 28.05 -12.87
N ASP A 59 20.99 28.47 -14.10
CA ASP A 59 20.51 27.86 -15.33
C ASP A 59 21.04 26.43 -15.44
N GLY A 60 20.15 25.52 -15.82
CA GLY A 60 20.43 24.09 -15.84
C GLY A 60 21.00 23.61 -17.17
N HIS A 61 21.82 24.46 -17.81
CA HIS A 61 22.55 24.11 -19.01
C HIS A 61 23.93 24.76 -18.98
N SER A 62 23.95 26.07 -18.73
CA SER A 62 25.18 26.85 -18.66
C SER A 62 25.83 26.69 -17.29
N GLY A 63 25.02 26.87 -16.23
CA GLY A 63 25.49 26.86 -14.86
C GLY A 63 25.78 28.27 -14.35
N GLU A 64 25.32 29.28 -15.10
CA GLU A 64 25.53 30.68 -14.78
C GLU A 64 24.62 31.07 -13.62
N VAL A 65 25.23 31.68 -12.59
CA VAL A 65 24.55 32.08 -11.37
C VAL A 65 23.66 33.28 -11.67
N LEU A 66 22.36 33.11 -11.37
CA LEU A 66 21.33 34.09 -11.68
C LEU A 66 20.84 34.76 -10.39
N GLN A 67 20.19 33.98 -9.52
CA GLN A 67 19.62 34.47 -8.28
C GLN A 67 20.46 33.99 -7.10
N MET A 68 20.48 34.82 -6.04
CA MET A 68 21.34 34.61 -4.89
C MET A 68 20.86 35.51 -3.75
N SER A 69 20.75 34.94 -2.55
CA SER A 69 20.33 35.65 -1.36
C SER A 69 21.43 36.60 -0.88
N LEU A 70 21.03 37.62 -0.11
CA LEU A 70 21.90 38.68 0.38
C LEU A 70 22.93 38.14 1.37
N ASN A 71 22.55 37.07 2.09
CA ASN A 71 23.34 36.51 3.18
C ASN A 71 24.46 35.61 2.64
N ALA A 72 24.31 35.18 1.37
CA ALA A 72 25.16 34.16 0.77
C ALA A 72 26.60 34.64 0.61
N ALA A 73 26.77 35.97 0.50
CA ALA A 73 28.08 36.59 0.36
C ALA A 73 28.91 36.39 1.62
N THR A 74 28.26 36.52 2.78
CA THR A 74 28.91 36.40 4.08
C THR A 74 29.06 34.92 4.46
N PHE A 75 28.09 34.09 4.03
CA PHE A 75 28.01 32.70 4.42
C PHE A 75 29.09 31.87 3.72
N LEU A 76 29.18 32.03 2.39
CA LEU A 76 30.07 31.23 1.56
C LEU A 76 31.50 31.77 1.66
N GLY A 77 31.63 33.04 2.03
CA GLY A 77 32.91 33.67 2.28
C GLY A 77 33.62 34.08 1.00
N GLN A 78 32.82 34.55 0.02
CA GLN A 78 33.32 35.08 -1.24
C GLN A 78 32.57 36.36 -1.58
N GLU A 79 33.23 37.24 -2.34
CA GLU A 79 32.64 38.49 -2.80
C GLU A 79 31.46 38.20 -3.73
N PRO A 80 30.35 38.96 -3.63
CA PRO A 80 29.16 38.71 -4.45
C PRO A 80 29.35 38.97 -5.94
N THR A 81 30.31 39.85 -6.27
CA THR A 81 30.63 40.24 -7.64
C THR A 81 31.30 39.08 -8.38
N VAL A 82 32.04 38.25 -7.62
CA VAL A 82 32.73 37.08 -8.15
C VAL A 82 31.69 35.98 -8.43
N LEU A 83 30.77 35.80 -7.48
CA LEU A 83 29.75 34.76 -7.55
C LEU A 83 28.77 35.04 -8.68
N ARG A 84 28.38 36.32 -8.85
CA ARG A 84 27.49 36.74 -9.92
C ARG A 84 28.25 36.74 -11.24
N GLY A 85 27.73 35.98 -12.21
CA GLY A 85 28.37 35.77 -13.49
C GLY A 85 29.51 34.75 -13.40
N GLN A 86 29.25 33.64 -12.70
CA GLN A 86 30.20 32.55 -12.56
C GLN A 86 29.50 31.23 -12.83
N THR A 87 30.21 30.32 -13.51
CA THR A 87 29.71 28.99 -13.82
C THR A 87 29.85 28.08 -12.61
N LEU A 88 28.98 27.06 -12.54
CA LEU A 88 28.97 26.08 -11.47
C LEU A 88 30.11 25.06 -11.66
N ALA A 89 30.72 25.08 -12.86
CA ALA A 89 31.86 24.24 -13.17
C ALA A 89 33.13 24.81 -12.55
N ALA A 90 33.09 26.09 -12.17
CA ALA A 90 34.21 26.80 -11.57
C ALA A 90 34.12 26.75 -10.04
N LEU A 91 32.90 26.93 -9.52
CA LEU A 91 32.66 27.03 -8.09
C LEU A 91 32.68 25.64 -7.45
N LEU A 92 31.93 24.71 -8.03
CA LEU A 92 31.87 23.32 -7.59
C LEU A 92 32.39 22.42 -8.70
N PRO A 93 33.73 22.26 -8.85
CA PRO A 93 34.32 21.63 -10.03
C PRO A 93 34.27 20.11 -10.07
N GLU A 94 33.90 19.48 -8.93
CA GLU A 94 33.92 18.04 -8.81
C GLU A 94 32.50 17.48 -8.77
N GLN A 95 31.54 18.30 -8.32
CA GLN A 95 30.18 17.86 -8.08
C GLN A 95 29.31 18.01 -9.32
N TRP A 96 29.77 18.82 -10.29
CA TRP A 96 29.02 19.12 -11.52
C TRP A 96 28.79 17.88 -12.38
N PRO A 97 29.82 17.04 -12.69
CA PRO A 97 29.61 15.86 -13.54
C PRO A 97 28.83 14.72 -12.85
N ALA A 98 28.47 14.95 -11.58
CA ALA A 98 27.62 14.05 -10.82
C ALA A 98 26.22 14.65 -10.67
N LEU A 99 26.15 15.99 -10.67
CA LEU A 99 24.92 16.72 -10.48
C LEU A 99 24.03 16.58 -11.70
N GLN A 100 24.62 16.76 -12.88
CA GLN A 100 23.90 16.83 -14.14
C GLN A 100 23.50 15.43 -14.60
N ALA A 101 24.24 14.41 -14.13
CA ALA A 101 24.01 13.02 -14.49
C ALA A 101 22.76 12.49 -13.79
N ALA A 102 22.64 12.78 -12.48
CA ALA A 102 21.57 12.27 -11.66
C ALA A 102 20.27 13.05 -11.91
N LEU A 103 20.42 14.27 -12.45
CA LEU A 103 19.30 15.14 -12.74
C LEU A 103 19.25 15.46 -14.24
N PRO A 104 18.59 14.60 -15.07
CA PRO A 104 18.38 14.92 -16.48
C PRO A 104 17.28 15.95 -16.67
N PRO A 105 17.29 16.76 -17.76
CA PRO A 105 16.17 17.63 -18.09
C PRO A 105 14.94 16.83 -18.52
N GLY A 106 13.87 16.93 -17.72
CA GLY A 106 12.63 16.23 -17.97
C GLY A 106 12.05 15.59 -16.71
N CYS A 107 12.92 15.27 -15.75
CA CYS A 107 12.56 14.60 -14.50
C CYS A 107 11.71 15.52 -13.62
N PRO A 108 10.80 14.99 -12.78
CA PRO A 108 9.95 15.82 -11.92
C PRO A 108 10.70 16.56 -10.83
N ASP A 109 10.09 17.63 -10.30
CA ASP A 109 10.69 18.49 -9.30
C ASP A 109 10.45 17.93 -7.90
N ALA A 110 10.38 16.60 -7.81
CA ALA A 110 10.27 15.85 -6.56
C ALA A 110 11.59 15.13 -6.27
N LEU A 111 12.33 14.80 -7.34
CA LEU A 111 13.63 14.16 -7.28
C LEU A 111 14.64 15.12 -6.64
N GLN A 112 15.45 14.57 -5.72
CA GLN A 112 16.45 15.34 -4.99
C GLN A 112 17.79 14.60 -5.03
N TYR A 113 18.87 15.39 -4.93
CA TYR A 113 20.23 14.86 -4.88
C TYR A 113 20.99 15.53 -3.74
N ARG A 114 21.46 14.71 -2.78
CA ARG A 114 22.21 15.19 -1.63
C ARG A 114 23.69 14.85 -1.81
N ALA A 115 24.55 15.79 -1.38
CA ALA A 115 25.99 15.61 -1.37
C ALA A 115 26.60 16.39 -0.20
N THR A 116 27.76 15.90 0.27
CA THR A 116 28.54 16.54 1.32
C THR A 116 29.92 16.92 0.77
N LEU A 117 30.26 18.21 0.91
CA LEU A 117 31.48 18.77 0.37
C LEU A 117 32.14 19.70 1.40
N ASP A 118 33.47 19.79 1.32
CA ASP A 118 34.28 20.54 2.27
C ASP A 118 34.63 21.91 1.69
N TRP A 119 34.53 22.94 2.55
CA TRP A 119 34.83 24.32 2.21
C TRP A 119 35.73 24.95 3.26
N PRO A 120 36.69 25.84 2.88
CA PRO A 120 37.60 26.46 3.84
C PRO A 120 36.93 27.49 4.76
N ALA A 121 35.81 28.05 4.29
CA ALA A 121 35.03 29.05 5.01
C ALA A 121 34.38 28.41 6.25
N GLY A 123 33.79 25.40 7.16
CA GLY A 123 33.89 23.94 7.32
C GLY A 123 33.14 23.22 6.20
N HIS A 124 32.87 21.92 6.42
CA HIS A 124 32.14 21.11 5.47
C HIS A 124 30.65 21.37 5.59
N LEU A 125 29.99 21.56 4.43
CA LEU A 125 28.59 21.95 4.35
C LEU A 125 27.75 20.80 3.79
N SER A 126 26.42 21.02 3.78
CA SER A 126 25.46 20.12 3.17
C SER A 126 24.92 20.75 1.88
N LEU A 127 25.02 19.97 0.78
CA LEU A 127 24.55 20.37 -0.53
C LEU A 127 23.34 19.53 -0.91
N THR A 128 22.25 20.23 -1.26
CA THR A 128 21.02 19.59 -1.72
C THR A 128 20.52 20.33 -2.96
N VAL A 129 20.34 19.58 -4.05
CA VAL A 129 20.02 20.16 -5.35
C VAL A 129 18.75 19.52 -5.92
N HIS A 130 18.00 20.29 -6.72
CA HIS A 130 16.91 19.79 -7.54
C HIS A 130 16.72 20.68 -8.78
N ARG A 131 15.72 20.36 -9.60
CA ARG A 131 15.54 20.96 -10.92
C ARG A 131 14.08 21.35 -11.15
N VAL A 132 13.85 22.66 -11.33
CA VAL A 132 12.58 23.23 -11.75
C VAL A 132 12.76 23.88 -13.11
N GLY A 133 11.98 23.42 -14.09
CA GLY A 133 12.05 23.89 -15.47
C GLY A 133 13.42 23.61 -16.08
N GLU A 134 14.17 24.69 -16.33
CA GLU A 134 15.57 24.63 -16.74
C GLU A 134 16.41 25.47 -15.78
N LEU A 135 16.20 25.24 -14.48
CA LEU A 135 16.84 26.00 -13.41
C LEU A 135 17.14 25.05 -12.25
N LEU A 136 18.44 24.84 -12.00
CA LEU A 136 18.92 24.02 -10.89
C LEU A 136 18.89 24.84 -9.61
N ILE A 137 18.39 24.23 -8.53
CA ILE A 137 18.18 24.92 -7.26
C ILE A 137 19.08 24.30 -6.20
N LEU A 138 20.02 25.09 -5.71
CA LEU A 138 21.04 24.66 -4.76
C LEU A 138 20.66 25.14 -3.36
N GLU A 139 20.78 24.22 -2.39
CA GLU A 139 20.51 24.51 -0.99
C GLU A 139 21.74 24.19 -0.16
N PHE A 140 22.06 25.09 0.78
CA PHE A 140 23.25 25.00 1.59
C PHE A 140 22.88 25.14 3.07
N GLU A 141 23.32 24.16 3.87
CA GLU A 141 23.13 24.15 5.31
C GLU A 141 24.41 23.67 6.00
N PRO A 142 24.79 24.25 7.17
CA PRO A 142 25.95 23.76 7.92
C PRO A 142 25.68 22.43 8.62
N THR A 143 26.60 21.49 8.44
CA THR A 143 26.50 20.15 8.99
C THR A 143 27.62 19.91 10.01
N GLU A 144 27.47 18.82 10.76
CA GLU A 144 28.46 18.41 11.76
C GLU A 144 28.74 16.91 11.63
N HIS A 152 21.66 2.62 15.08
CA HIS A 152 20.95 1.35 15.32
C HIS A 152 19.53 1.61 15.83
N ALA A 153 19.24 2.88 16.12
CA ALA A 153 17.96 3.32 16.65
C ALA A 153 16.86 3.18 15.59
N LEU A 154 17.24 3.35 14.32
CA LEU A 154 16.32 3.34 13.19
C LEU A 154 15.87 1.91 12.88
N ARG A 155 16.81 0.95 12.96
CA ARG A 155 16.54 -0.43 12.63
C ARG A 155 15.62 -1.06 13.68
N ASN A 156 15.82 -0.69 14.95
CA ASN A 156 15.02 -1.19 16.06
C ASN A 156 13.62 -0.62 16.00
N ALA A 157 13.51 0.65 15.57
CA ALA A 157 12.26 1.36 15.42
C ALA A 157 11.41 0.73 14.31
N MET A 158 12.09 0.28 13.25
CA MET A 158 11.46 -0.32 12.08
C MET A 158 10.64 -1.54 12.51
N PHE A 159 11.27 -2.44 13.27
CA PHE A 159 10.68 -3.69 13.69
C PHE A 159 9.58 -3.44 14.73
N ALA A 160 9.71 -2.33 15.48
CA ALA A 160 8.75 -1.94 16.48
C ALA A 160 7.43 -1.50 15.83
N LEU A 161 7.54 -0.82 14.68
CA LEU A 161 6.41 -0.31 13.94
C LEU A 161 5.69 -1.45 13.22
N GLU A 162 6.47 -2.44 12.76
CA GLU A 162 5.96 -3.57 12.01
C GLU A 162 5.24 -4.55 12.94
N SER A 163 5.52 -4.46 14.26
CA SER A 163 4.87 -5.29 15.25
C SER A 163 4.11 -4.43 16.26
N ALA A 164 3.29 -3.51 15.74
CA ALA A 164 2.31 -2.76 16.52
C ALA A 164 0.95 -3.43 16.34
N PRO A 165 0.20 -3.72 17.45
CA PRO A 165 -1.05 -4.47 17.35
C PRO A 165 -2.23 -3.78 16.67
N ASN A 166 -2.32 -2.45 16.81
CA ASN A 166 -3.41 -1.65 16.26
C ASN A 166 -2.92 -0.24 15.95
N LEU A 167 -3.82 0.61 15.45
CA LEU A 167 -3.49 1.93 14.94
C LEU A 167 -3.23 2.91 16.10
N ARG A 168 -3.81 2.63 17.27
CA ARG A 168 -3.57 3.42 18.48
C ARG A 168 -2.13 3.24 18.93
N ALA A 169 -1.67 1.98 18.91
CA ALA A 169 -0.35 1.59 19.40
C ALA A 169 0.74 1.99 18.40
N LEU A 170 0.40 1.99 17.11
CA LEU A 170 1.29 2.42 16.04
C LEU A 170 1.54 3.93 16.18
N ALA A 171 0.46 4.67 16.47
CA ALA A 171 0.50 6.12 16.60
C ALA A 171 1.31 6.53 17.83
N GLU A 172 1.21 5.72 18.90
CA GLU A 172 1.84 5.98 20.17
C GLU A 172 3.35 5.77 20.07
N VAL A 173 3.75 4.71 19.36
CA VAL A 173 5.13 4.27 19.22
C VAL A 173 5.88 5.25 18.31
N ALA A 174 5.26 5.58 17.17
CA ALA A 174 5.82 6.48 16.18
C ALA A 174 6.25 7.79 16.84
N THR A 175 5.35 8.35 17.67
CA THR A 175 5.55 9.62 18.33
C THR A 175 6.60 9.50 19.43
N GLN A 176 6.69 8.31 20.04
CA GLN A 176 7.64 8.00 21.11
C GLN A 176 9.05 7.90 20.55
N THR A 177 9.16 7.39 19.32
CA THR A 177 10.43 7.22 18.62
C THR A 177 10.99 8.58 18.22
N VAL A 178 10.12 9.44 17.67
CA VAL A 178 10.50 10.74 17.16
C VAL A 178 11.06 11.60 18.29
N ARG A 179 10.43 11.52 19.47
CA ARG A 179 10.83 12.29 20.64
C ARG A 179 12.18 11.80 21.16
N GLU A 180 12.52 10.53 20.91
CA GLU A 180 13.76 9.93 21.37
C GLU A 180 14.94 10.38 20.51
N LEU A 181 14.76 10.35 19.19
CA LEU A 181 15.83 10.62 18.25
C LEU A 181 16.11 12.12 18.15
N THR A 182 15.03 12.91 18.04
CA THR A 182 15.15 14.36 17.86
C THR A 182 15.44 15.03 19.20
N GLY A 183 14.56 14.78 20.18
CA GLY A 183 14.58 15.46 21.45
C GLY A 183 13.73 16.73 21.41
N PHE A 184 12.55 16.62 20.79
CA PHE A 184 11.56 17.68 20.81
C PHE A 184 10.74 17.61 22.10
N ASP A 185 10.15 18.75 22.47
CA ASP A 185 9.22 18.85 23.59
C ASP A 185 7.95 18.07 23.25
N ARG A 186 7.16 18.64 22.33
CA ARG A 186 5.85 18.12 21.95
C ARG A 186 5.90 17.53 20.54
N VAL A 187 5.40 16.30 20.42
CA VAL A 187 5.30 15.58 19.16
C VAL A 187 3.92 14.92 19.09
N MET A 188 3.12 15.36 18.10
CA MET A 188 1.75 14.93 17.94
C MET A 188 1.62 14.16 16.62
N LEU A 189 0.37 13.84 16.27
CA LEU A 189 0.00 13.19 15.01
C LEU A 189 -1.47 13.47 14.73
N TYR A 190 -1.74 14.35 13.77
CA TYR A 190 -3.10 14.63 13.35
C TYR A 190 -3.56 13.53 12.39
N LYS A 191 -4.88 13.26 12.40
CA LYS A 191 -5.52 12.41 11.40
C LYS A 191 -6.66 13.19 10.78
N PHE A 192 -6.57 13.41 9.46
CA PHE A 192 -7.54 14.18 8.72
C PHE A 192 -8.79 13.33 8.45
N ALA A 193 -9.91 13.79 9.01
CA ALA A 193 -11.22 13.21 8.77
C ALA A 193 -11.68 13.58 7.37
N PRO A 194 -12.49 12.75 6.67
CA PRO A 194 -12.94 13.04 5.30
C PRO A 194 -13.85 14.25 5.13
N ASP A 195 -14.07 15.00 6.22
CA ASP A 195 -14.77 16.28 6.19
C ASP A 195 -13.76 17.42 6.41
N ALA A 196 -12.48 17.10 6.21
CA ALA A 196 -11.34 18.02 6.24
C ALA A 196 -11.20 18.70 7.61
N THR A 197 -11.16 17.87 8.67
CA THR A 197 -10.91 18.33 10.02
C THR A 197 -9.90 17.39 10.69
N GLY A 198 -8.88 17.99 11.31
CA GLY A 198 -7.84 17.26 12.01
C GLY A 198 -8.28 16.81 13.40
N GLU A 199 -7.76 15.65 13.82
CA GLU A 199 -8.07 15.06 15.11
C GLU A 199 -6.77 14.54 15.75
N VAL A 200 -6.38 15.16 16.87
CA VAL A 200 -5.19 14.79 17.62
C VAL A 200 -5.45 13.44 18.28
N ILE A 201 -4.70 12.43 17.86
CA ILE A 201 -4.96 11.05 18.27
C ILE A 201 -3.87 10.58 19.23
N ALA A 202 -2.65 11.10 19.06
CA ALA A 202 -1.50 10.69 19.86
C ALA A 202 -0.69 11.92 20.29
N GLU A 203 0.18 11.71 21.28
CA GLU A 203 1.08 12.74 21.78
C GLU A 203 2.23 12.08 22.55
N ALA A 204 3.42 12.67 22.41
CA ALA A 204 4.58 12.36 23.22
C ALA A 204 5.17 13.68 23.73
N ARG A 205 4.81 14.02 24.98
CA ARG A 205 5.04 15.36 25.52
C ARG A 205 6.08 15.31 26.64
N ARG A 206 6.59 16.50 26.97
CA ARG A 206 7.48 16.71 28.11
C ARG A 206 6.62 17.06 29.33
N GLU A 207 7.11 16.69 30.51
CA GLU A 207 6.42 16.88 31.78
C GLU A 207 6.39 18.36 32.14
N GLY A 208 5.20 18.84 32.52
CA GLY A 208 4.97 20.22 32.89
C GLY A 208 4.22 21.00 31.81
N LEU A 209 3.56 20.26 30.91
CA LEU A 209 2.77 20.83 29.83
C LEU A 209 1.43 20.09 29.74
N HIS A 210 0.37 20.85 29.45
CA HIS A 210 -0.98 20.31 29.30
C HIS A 210 -1.07 19.52 28.00
N ALA A 211 -1.91 18.48 28.01
CA ALA A 211 -2.06 17.55 26.91
C ALA A 211 -2.95 18.16 25.82
N PHE A 212 -2.61 17.85 24.56
CA PHE A 212 -3.35 18.29 23.39
C PHE A 212 -4.23 17.16 22.86
N LEU A 213 -4.28 16.04 23.60
CA LEU A 213 -4.96 14.83 23.17
C LEU A 213 -6.46 15.07 23.11
N GLY A 214 -7.07 14.68 21.98
CA GLY A 214 -8.50 14.80 21.77
C GLY A 214 -8.92 16.12 21.12
N HIS A 215 -7.94 17.00 20.91
CA HIS A 215 -8.14 18.31 20.28
C HIS A 215 -8.54 18.11 18.83
N ARG A 216 -9.47 18.96 18.37
CA ARG A 216 -9.94 18.97 16.99
C ARG A 216 -10.01 20.42 16.51
N PHE A 217 -9.59 20.62 15.25
CA PHE A 217 -9.53 21.95 14.67
C PHE A 217 -10.18 21.95 13.28
N PRO A 218 -10.80 23.08 12.84
CA PRO A 218 -11.57 23.11 11.59
C PRO A 218 -10.72 23.15 10.31
N ALA A 219 -11.40 23.37 9.18
CA ALA A 219 -10.79 23.38 7.86
C ALA A 219 -10.15 24.74 7.54
N SER A 220 -10.46 25.74 8.38
CA SER A 220 -10.10 27.13 8.14
C SER A 220 -8.61 27.37 8.36
N ASP A 221 -8.00 26.58 9.25
CA ASP A 221 -6.62 26.79 9.68
C ASP A 221 -5.64 26.33 8.60
N ILE A 222 -5.95 25.19 7.95
CA ILE A 222 -5.15 24.69 6.85
C ILE A 222 -5.94 24.89 5.55
N PRO A 223 -5.61 25.94 4.74
CA PRO A 223 -6.28 26.16 3.45
C PRO A 223 -5.89 25.14 2.38
N ALA A 224 -6.48 25.29 1.19
CA ALA A 224 -6.42 24.31 0.12
C ALA A 224 -5.05 24.29 -0.56
N GLN A 225 -4.47 25.49 -0.77
CA GLN A 225 -3.23 25.65 -1.51
C GLN A 225 -2.05 25.12 -0.71
N ALA A 226 -2.22 25.07 0.62
CA ALA A 226 -1.23 24.51 1.53
C ALA A 226 -1.27 22.98 1.46
N ARG A 227 -2.49 22.43 1.35
CA ARG A 227 -2.75 21.01 1.35
C ARG A 227 -2.23 20.36 0.07
N ALA A 228 -2.25 21.13 -1.03
CA ALA A 228 -1.74 20.70 -2.32
C ALA A 228 -0.22 20.55 -2.27
N LEU A 229 0.44 21.50 -1.60
CA LEU A 229 1.90 21.56 -1.52
C LEU A 229 2.41 20.46 -0.58
N TYR A 230 1.62 20.15 0.46
CA TYR A 230 2.00 19.16 1.47
C TYR A 230 1.79 17.74 0.97
N THR A 231 1.03 17.60 -0.13
CA THR A 231 0.84 16.32 -0.80
C THR A 231 2.07 16.00 -1.64
N ARG A 232 2.69 17.05 -2.20
CA ARG A 232 3.85 16.93 -3.06
C ARG A 232 5.12 16.76 -2.22
N HIS A 233 5.41 17.78 -1.39
CA HIS A 233 6.64 17.82 -0.61
C HIS A 233 6.36 17.48 0.85
N LEU A 234 7.02 16.41 1.32
CA LEU A 234 6.64 15.66 2.50
C LEU A 234 7.17 16.31 3.78
N LEU A 235 8.31 17.02 3.66
CA LEU A 235 8.96 17.63 4.81
C LEU A 235 8.79 19.15 4.77
N ARG A 236 8.81 19.75 5.97
CA ARG A 236 8.76 21.19 6.19
C ARG A 236 9.47 21.50 7.51
N LEU A 237 10.16 22.64 7.54
CA LEU A 237 11.06 23.01 8.64
C LEU A 237 11.00 24.52 8.86
N THR A 238 10.80 24.90 10.13
CA THR A 238 10.85 26.29 10.56
C THR A 238 11.67 26.35 11.85
N ALA A 239 12.85 26.97 11.76
CA ALA A 239 13.83 26.96 12.84
C ALA A 239 13.52 28.06 13.86
N ASP A 240 13.00 29.19 13.38
CA ASP A 240 12.62 30.32 14.23
C ASP A 240 11.36 30.97 13.68
N THR A 241 10.57 31.56 14.59
CA THR A 241 9.27 32.13 14.27
C THR A 241 9.33 33.66 14.30
N ARG A 242 10.39 34.20 14.89
CA ARG A 242 10.53 35.64 15.11
C ARG A 242 11.66 36.20 14.25
N ALA A 243 12.27 35.32 13.43
CA ALA A 243 13.37 35.69 12.56
C ALA A 243 12.83 36.33 11.27
N ALA A 244 13.65 37.23 10.70
CA ALA A 244 13.29 37.98 9.50
C ALA A 244 13.79 37.25 8.25
N ALA A 245 12.99 37.32 7.19
CA ALA A 245 13.24 36.63 5.93
C ALA A 245 14.30 37.38 5.12
N VAL A 246 15.16 36.60 4.45
CA VAL A 246 16.26 37.12 3.66
C VAL A 246 15.88 37.05 2.19
N PRO A 247 15.77 38.21 1.49
CA PRO A 247 15.37 38.25 0.08
C PRO A 247 16.42 37.71 -0.88
N LEU A 248 16.01 37.48 -2.13
CA LEU A 248 16.89 37.03 -3.19
C LEU A 248 17.19 38.18 -4.15
N ASP A 249 18.37 38.13 -4.76
CA ASP A 249 18.88 39.17 -5.64
C ASP A 249 19.34 38.55 -6.96
N PRO A 250 18.69 38.87 -8.11
CA PRO A 250 17.41 39.58 -8.13
C PRO A 250 16.24 38.63 -7.87
N VAL A 251 15.10 39.22 -7.50
CA VAL A 251 13.93 38.49 -7.02
C VAL A 251 13.34 37.65 -8.16
N LEU A 252 13.29 38.23 -9.37
CA LEU A 252 12.63 37.61 -10.51
C LEU A 252 13.67 36.86 -11.36
N ASN A 253 13.32 35.61 -11.72
CA ASN A 253 14.15 34.74 -12.53
C ASN A 253 14.13 35.25 -13.97
N PRO A 254 15.28 35.75 -14.51
CA PRO A 254 15.32 36.40 -15.82
C PRO A 254 15.02 35.47 -17.00
N GLN A 255 15.06 34.17 -16.74
CA GLN A 255 14.73 33.11 -17.69
C GLN A 255 13.31 33.30 -18.22
N THR A 256 12.38 33.58 -17.28
CA THR A 256 10.96 33.65 -17.58
C THR A 256 10.41 35.04 -17.26
N ASN A 257 11.21 35.85 -16.55
CA ASN A 257 10.82 37.13 -15.97
C ASN A 257 9.62 36.93 -15.05
N ALA A 258 9.68 35.86 -14.26
CA ALA A 258 8.61 35.40 -13.39
C ALA A 258 9.18 35.02 -12.03
N PRO A 259 8.41 35.13 -10.92
CA PRO A 259 8.90 34.75 -9.59
C PRO A 259 9.20 33.26 -9.48
N THR A 260 10.26 32.94 -8.71
CA THR A 260 10.81 31.61 -8.61
C THR A 260 9.94 30.76 -7.70
N PRO A 261 9.40 29.62 -8.20
CA PRO A 261 8.67 28.67 -7.34
C PRO A 261 9.63 27.84 -6.49
N LEU A 262 9.51 27.99 -5.16
CA LEU A 262 10.42 27.37 -4.21
C LEU A 262 9.68 26.44 -3.28
N GLY A 263 8.71 25.68 -3.85
CA GLY A 263 7.93 24.69 -3.12
C GLY A 263 8.78 23.51 -2.67
N GLY A 264 9.77 23.13 -3.49
CA GLY A 264 10.62 21.98 -3.24
C GLY A 264 11.82 22.32 -2.34
N ALA A 265 11.91 23.60 -1.95
CA ALA A 265 13.01 24.11 -1.13
C ALA A 265 12.62 24.02 0.35
N VAL A 266 13.59 23.59 1.17
CA VAL A 266 13.39 23.43 2.61
C VAL A 266 13.59 24.77 3.32
N LEU A 267 14.33 25.70 2.67
CA LEU A 267 14.66 26.99 3.24
C LEU A 267 13.62 28.03 2.87
N ARG A 268 12.41 27.58 2.51
CA ARG A 268 11.32 28.47 2.15
C ARG A 268 10.85 29.23 3.39
N ALA A 269 10.67 30.55 3.23
CA ALA A 269 10.14 31.40 4.29
C ALA A 269 8.64 31.15 4.46
N THR A 270 8.23 30.90 5.71
CA THR A 270 6.86 30.54 6.06
C THR A 270 5.99 31.79 6.10
N SER A 271 4.67 31.58 6.04
CA SER A 271 3.65 32.61 5.97
C SER A 271 3.72 33.54 7.19
N PRO A 272 3.50 34.87 7.03
CA PRO A 272 3.48 35.81 8.15
C PRO A 272 2.25 35.72 9.04
N MET A 273 1.36 34.78 8.75
CA MET A 273 0.13 34.56 9.52
C MET A 273 0.25 33.30 10.37
N HIS A 274 0.93 32.28 9.83
CA HIS A 274 1.16 31.02 10.52
C HIS A 274 2.20 31.20 11.63
N MET A 275 3.13 32.14 11.42
CA MET A 275 4.14 32.50 12.40
C MET A 275 3.49 33.20 13.59
N GLN A 276 2.61 34.18 13.29
CA GLN A 276 1.86 34.96 14.27
C GLN A 276 1.04 34.02 15.16
N TYR A 277 0.50 32.97 14.54
CA TYR A 277 -0.29 31.94 15.21
C TYR A 277 0.55 31.22 16.26
N LEU A 278 1.80 30.89 15.89
CA LEU A 278 2.71 30.15 16.74
C LEU A 278 3.37 31.08 17.76
N ARG A 279 3.30 32.39 17.51
CA ARG A 279 3.88 33.41 18.38
C ARG A 279 2.98 33.63 19.60
N ASN A 280 1.67 33.52 19.39
CA ASN A 280 0.66 33.74 20.43
C ASN A 280 0.72 32.61 21.45
N MET A 281 1.00 31.39 20.97
CA MET A 281 1.22 30.24 21.83
C MET A 281 2.62 30.30 22.43
N GLY A 282 3.58 30.84 21.65
CA GLY A 282 4.96 30.99 22.07
C GLY A 282 5.80 29.76 21.70
N VAL A 283 5.77 29.41 20.41
CA VAL A 283 6.43 28.24 19.86
C VAL A 283 7.57 28.70 18.95
N GLY A 284 8.75 28.10 19.14
CA GLY A 284 9.96 28.43 18.40
C GLY A 284 10.12 27.60 17.14
N SER A 285 10.42 26.30 17.31
CA SER A 285 10.68 25.38 16.21
C SER A 285 9.39 24.65 15.83
N SER A 286 9.24 24.41 14.51
CA SER A 286 8.16 23.61 13.97
C SER A 286 8.67 22.75 12.83
N LEU A 287 8.48 21.43 12.96
CA LEU A 287 8.80 20.44 11.93
C LEU A 287 7.57 19.57 11.71
N SER A 288 7.13 19.49 10.44
CA SER A 288 6.00 18.66 10.07
C SER A 288 6.39 17.66 8.99
N VAL A 289 5.94 16.42 9.15
CA VAL A 289 6.15 15.36 8.16
C VAL A 289 4.78 14.86 7.72
N SER A 290 4.48 15.05 6.42
CA SER A 290 3.16 14.74 5.90
C SER A 290 3.04 13.25 5.58
N VAL A 291 1.85 12.71 5.87
CA VAL A 291 1.50 11.33 5.58
C VAL A 291 0.54 11.34 4.39
N VAL A 292 0.99 10.71 3.29
CA VAL A 292 0.22 10.63 2.06
C VAL A 292 -0.09 9.16 1.78
N VAL A 293 -1.40 8.84 1.78
CA VAL A 293 -1.90 7.50 1.53
C VAL A 293 -2.77 7.55 0.27
N GLY A 294 -2.37 6.76 -0.74
CA GLY A 294 -3.09 6.58 -1.98
C GLY A 294 -3.28 7.88 -2.77
N GLY A 295 -2.36 8.84 -2.57
CA GLY A 295 -2.43 10.15 -3.20
C GLY A 295 -3.35 11.11 -2.45
N GLN A 296 -3.64 10.78 -1.18
CA GLN A 296 -4.46 11.61 -0.32
C GLN A 296 -3.71 11.87 1.00
N LEU A 297 -3.78 13.12 1.45
CA LEU A 297 -3.15 13.57 2.70
C LEU A 297 -3.89 12.94 3.88
N TRP A 298 -3.31 11.85 4.39
CA TRP A 298 -3.87 11.07 5.48
C TRP A 298 -3.78 11.85 6.79
N GLY A 299 -2.55 12.20 7.18
CA GLY A 299 -2.25 12.87 8.43
C GLY A 299 -0.94 13.66 8.36
N LEU A 300 -0.55 14.22 9.50
CA LEU A 300 0.56 15.17 9.58
C LEU A 300 1.12 15.19 11.00
N ILE A 301 2.36 14.69 11.13
CA ILE A 301 3.14 14.80 12.36
C ILE A 301 3.54 16.26 12.52
N ALA A 302 3.40 16.79 13.74
CA ALA A 302 3.84 18.14 14.04
C ALA A 302 4.72 18.12 15.29
N CYS A 303 5.95 18.63 15.15
CA CYS A 303 6.92 18.64 16.24
C CYS A 303 7.26 20.09 16.59
N HIS A 304 6.72 20.55 17.73
CA HIS A 304 6.86 21.93 18.18
C HIS A 304 7.88 22.01 19.32
N HIS A 305 8.50 23.19 19.47
CA HIS A 305 9.51 23.42 20.49
C HIS A 305 9.38 24.85 21.03
N GLN A 306 9.75 25.02 22.30
CA GLN A 306 9.61 26.29 23.00
C GLN A 306 10.73 27.25 22.61
N THR A 307 11.95 26.71 22.51
CA THR A 307 13.14 27.49 22.25
C THR A 307 13.53 27.35 20.77
N PRO A 308 14.06 28.42 20.12
CA PRO A 308 14.59 28.32 18.76
C PRO A 308 15.60 27.18 18.63
N TYR A 309 15.38 26.33 17.61
CA TYR A 309 16.13 25.09 17.46
C TYR A 309 16.38 24.82 15.97
N VAL A 310 17.61 24.40 15.67
CA VAL A 310 18.04 24.03 14.33
C VAL A 310 18.57 22.61 14.39
N LEU A 311 17.94 21.72 13.60
CA LEU A 311 18.27 20.31 13.60
C LEU A 311 19.37 20.04 12.57
N PRO A 312 20.35 19.14 12.88
CA PRO A 312 21.30 18.64 11.89
C PRO A 312 20.61 17.94 10.71
N PRO A 313 21.14 18.09 9.46
CA PRO A 313 20.54 17.48 8.27
C PRO A 313 20.72 15.96 8.15
N ASP A 314 21.46 15.37 9.11
CA ASP A 314 21.70 13.94 9.13
C ASP A 314 20.55 13.19 9.79
N LEU A 315 19.82 13.90 10.67
CA LEU A 315 18.72 13.32 11.43
C LEU A 315 17.39 13.57 10.72
N ARG A 316 17.36 14.58 9.86
CA ARG A 316 16.20 14.90 9.03
C ARG A 316 15.92 13.77 8.07
N THR A 317 16.99 13.13 7.59
CA THR A 317 16.93 12.04 6.62
C THR A 317 16.31 10.81 7.28
N THR A 318 16.57 10.65 8.59
CA THR A 318 16.01 9.55 9.39
C THR A 318 14.50 9.73 9.51
N LEU A 319 14.06 10.98 9.73
CA LEU A 319 12.65 11.34 9.83
C LEU A 319 11.96 11.13 8.48
N GLU A 320 12.65 11.53 7.41
CA GLU A 320 12.18 11.34 6.04
C GLU A 320 11.90 9.86 5.80
N TYR A 321 12.77 8.99 6.34
CA TYR A 321 12.60 7.56 6.21
C TYR A 321 11.39 7.08 7.00
N LEU A 322 11.18 7.66 8.19
CA LEU A 322 10.10 7.28 9.08
C LEU A 322 8.75 7.64 8.47
N GLY A 323 8.72 8.77 7.74
CA GLY A 323 7.55 9.22 7.00
C GLY A 323 7.09 8.19 5.97
N ARG A 324 8.07 7.56 5.30
CA ARG A 324 7.84 6.51 4.31
C ARG A 324 7.28 5.27 5.00
N LEU A 325 7.80 4.97 6.20
CA LEU A 325 7.47 3.75 6.92
C LEU A 325 6.09 3.87 7.58
N LEU A 326 5.66 5.11 7.86
CA LEU A 326 4.43 5.36 8.57
C LEU A 326 3.27 5.50 7.59
N SER A 327 3.57 5.87 6.35
CA SER A 327 2.59 5.87 5.27
C SER A 327 2.25 4.45 4.85
N LEU A 328 3.22 3.53 5.02
CA LEU A 328 3.07 2.14 4.66
C LEU A 328 2.21 1.40 5.69
N GLN A 329 2.60 1.51 6.97
CA GLN A 329 2.08 0.64 8.03
C GLN A 329 0.66 1.02 8.44
N VAL A 330 0.26 2.26 8.14
CA VAL A 330 -1.10 2.75 8.40
C VAL A 330 -2.08 1.98 7.53
N GLN A 331 -1.68 1.69 6.29
CA GLN A 331 -2.48 0.94 5.33
C GLN A 331 -2.61 -0.52 5.76
N VAL A 332 -1.78 -0.94 6.73
CA VAL A 332 -1.77 -2.31 7.22
C VAL A 332 -2.63 -2.41 8.47
N LYS A 333 -2.51 -1.41 9.36
CA LYS A 333 -3.15 -1.44 10.67
C LYS A 333 -4.65 -1.16 10.56
N GLU A 334 -5.03 -0.24 9.67
CA GLU A 334 -6.42 0.11 9.44
C GLU A 334 -7.13 -0.99 8.66
N ALA A 335 -6.35 -1.83 7.97
CA ALA A 335 -6.85 -3.00 7.27
C ALA A 335 -7.12 -4.13 8.25
N ALA A 336 -6.45 -4.09 9.41
CA ALA A 336 -6.58 -5.11 10.44
C ALA A 336 -7.66 -4.71 11.46
N ASP A 337 -8.00 -3.42 11.49
CA ASP A 337 -8.98 -2.85 12.41
C ASP A 337 -10.39 -3.29 12.02
N VAL A 338 -10.62 -3.43 10.72
CA VAL A 338 -11.93 -3.71 10.15
C VAL A 338 -12.10 -5.23 10.01
N ALA A 339 -11.01 -5.92 9.67
CA ALA A 339 -11.01 -7.36 9.41
C ALA A 339 -11.23 -8.15 10.69
N ALA A 340 -10.87 -7.56 11.84
CA ALA A 340 -11.06 -8.17 13.14
C ALA A 340 -12.48 -7.93 13.64
N PHE A 341 -13.01 -6.73 13.34
CA PHE A 341 -14.34 -6.31 13.78
C PHE A 341 -15.42 -7.09 13.04
N ARG A 342 -15.18 -7.34 11.75
CA ARG A 342 -16.10 -8.06 10.88
C ARG A 342 -16.17 -9.53 11.27
N GLN A 343 -15.05 -10.05 11.80
CA GLN A 343 -14.86 -11.46 12.14
C GLN A 343 -15.84 -11.89 13.25
N SER A 344 -16.08 -10.98 14.19
CA SER A 344 -16.96 -11.22 15.33
C SER A 344 -18.42 -11.28 14.90
N LEU A 345 -18.81 -10.39 13.98
CA LEU A 345 -20.19 -10.21 13.55
C LEU A 345 -20.51 -11.08 12.34
N ARG A 346 -19.52 -11.86 11.87
CA ARG A 346 -19.61 -12.62 10.63
C ARG A 346 -20.59 -13.78 10.78
N GLU A 347 -20.73 -14.30 12.00
CA GLU A 347 -21.63 -15.39 12.32
C GLU A 347 -23.08 -14.92 12.19
N HIS A 348 -23.32 -13.64 12.52
CA HIS A 348 -24.61 -12.99 12.41
C HIS A 348 -24.84 -12.53 10.97
N HIS A 349 -23.74 -12.24 10.27
CA HIS A 349 -23.76 -11.67 8.92
C HIS A 349 -24.10 -12.75 7.89
N ALA A 350 -23.63 -13.99 8.12
CA ALA A 350 -23.75 -15.09 7.19
C ALA A 350 -25.19 -15.59 7.09
N ARG A 351 -25.97 -15.39 8.17
CA ARG A 351 -27.36 -15.81 8.23
C ARG A 351 -28.24 -14.85 7.43
N VAL A 352 -27.82 -13.58 7.36
CA VAL A 352 -28.56 -12.54 6.64
C VAL A 352 -28.22 -12.63 5.14
N ALA A 353 -26.96 -13.00 4.85
CA ALA A 353 -26.43 -13.01 3.49
C ALA A 353 -27.02 -14.17 2.67
N LEU A 354 -27.16 -15.35 3.31
CA LEU A 354 -27.61 -16.56 2.65
C LEU A 354 -29.12 -16.52 2.45
N ALA A 355 -29.82 -15.78 3.32
CA ALA A 355 -31.28 -15.65 3.27
C ALA A 355 -31.69 -14.60 2.24
N ALA A 356 -30.79 -13.66 1.94
CA ALA A 356 -31.01 -12.63 0.94
C ALA A 356 -30.46 -13.06 -0.42
N ALA A 357 -29.81 -14.24 -0.45
CA ALA A 357 -29.25 -14.82 -1.65
C ALA A 357 -30.33 -15.45 -2.51
N HIS A 358 -31.21 -16.24 -1.87
CA HIS A 358 -32.33 -16.88 -2.53
C HIS A 358 -33.63 -16.16 -2.17
N SER A 359 -33.56 -14.82 -2.11
CA SER A 359 -34.66 -13.96 -1.73
C SER A 359 -35.65 -13.82 -2.88
N LEU A 360 -36.66 -14.70 -2.89
CA LEU A 360 -37.78 -14.63 -3.82
C LEU A 360 -38.79 -13.61 -3.29
N SER A 361 -38.82 -13.45 -1.97
CA SER A 361 -39.62 -12.43 -1.29
C SER A 361 -38.71 -11.51 -0.49
N PRO A 362 -38.65 -10.20 -0.83
CA PRO A 362 -37.83 -9.23 -0.09
C PRO A 362 -38.41 -8.85 1.26
N HIS A 363 -39.73 -9.01 1.41
CA HIS A 363 -40.45 -8.59 2.60
C HIS A 363 -40.51 -9.72 3.64
N ASP A 364 -40.67 -10.96 3.16
CA ASP A 364 -40.98 -12.10 4.03
C ASP A 364 -39.74 -12.62 4.73
N THR A 365 -38.57 -12.43 4.12
CA THR A 365 -37.33 -13.01 4.61
C THR A 365 -36.50 -11.97 5.36
N LEU A 366 -36.59 -10.70 4.93
CA LEU A 366 -35.79 -9.63 5.49
C LEU A 366 -36.59 -8.83 6.52
N SER A 367 -37.49 -9.52 7.24
CA SER A 367 -38.25 -8.95 8.34
C SER A 367 -38.42 -9.97 9.47
N ASP A 368 -37.96 -11.20 9.21
CA ASP A 368 -38.01 -12.31 10.16
C ASP A 368 -37.07 -12.01 11.32
N PRO A 369 -37.57 -11.95 12.58
CA PRO A 369 -36.76 -11.64 13.76
C PRO A 369 -35.65 -12.63 14.11
N ALA A 370 -35.64 -13.79 13.42
CA ALA A 370 -34.61 -14.81 13.57
C ALA A 370 -33.29 -14.35 12.97
N LEU A 371 -33.37 -13.46 11.97
CA LEU A 371 -32.22 -12.82 11.35
C LEU A 371 -31.79 -11.62 12.20
N ASP A 372 -32.73 -10.69 12.42
CA ASP A 372 -32.57 -9.49 13.23
C ASP A 372 -31.50 -8.58 12.62
N LEU A 373 -31.96 -7.58 11.84
CA LEU A 373 -31.06 -6.69 11.12
C LEU A 373 -30.70 -5.47 11.96
N LEU A 374 -31.39 -5.30 13.10
CA LEU A 374 -31.16 -4.17 13.99
C LEU A 374 -29.87 -4.37 14.78
N GLY A 375 -29.65 -5.61 15.26
CA GLY A 375 -28.54 -5.95 16.14
C GLY A 375 -27.20 -5.99 15.43
N LEU A 376 -27.22 -6.27 14.12
CA LEU A 376 -26.04 -6.37 13.28
C LEU A 376 -25.36 -5.01 13.16
N MET A 377 -26.19 -3.96 12.97
CA MET A 377 -25.70 -2.62 12.67
C MET A 377 -25.79 -1.72 13.91
N ARG A 378 -26.36 -2.27 14.98
CA ARG A 378 -26.51 -1.61 16.29
C ARG A 378 -27.33 -0.32 16.12
N ALA A 379 -28.58 -0.49 15.65
CA ALA A 379 -29.47 0.62 15.34
C ALA A 379 -30.82 0.41 16.02
N GLY A 380 -31.52 1.54 16.25
CA GLY A 380 -32.84 1.54 16.86
C GLY A 380 -33.96 1.24 15.87
N GLY A 381 -33.85 1.81 14.66
CA GLY A 381 -34.89 1.72 13.65
C GLY A 381 -34.40 1.10 12.34
N LEU A 382 -35.36 0.54 11.58
CA LEU A 382 -35.13 -0.09 10.29
C LEU A 382 -36.34 0.19 9.39
N ILE A 383 -36.06 0.62 8.15
CA ILE A 383 -37.08 0.85 7.14
C ILE A 383 -36.85 -0.13 5.99
N LEU A 384 -37.94 -0.77 5.54
CA LEU A 384 -37.89 -1.73 4.46
C LEU A 384 -38.91 -1.34 3.38
N ARG A 385 -38.40 -0.70 2.33
CA ARG A 385 -39.21 -0.23 1.21
C ARG A 385 -38.89 -1.06 -0.03
N PHE A 386 -39.87 -1.84 -0.47
CA PHE A 386 -39.77 -2.69 -1.64
C PHE A 386 -41.12 -2.75 -2.34
N GLU A 387 -41.08 -2.73 -3.69
CA GLU A 387 -42.21 -3.00 -4.57
C GLU A 387 -43.25 -1.87 -4.53
N GLY A 388 -43.14 -0.98 -3.53
CA GLY A 388 -44.06 0.12 -3.34
C GLY A 388 -44.47 0.31 -1.88
N ARG A 389 -44.72 -0.82 -1.19
CA ARG A 389 -45.11 -0.84 0.20
C ARG A 389 -43.90 -0.63 1.11
N TRP A 390 -44.04 0.31 2.06
CA TRP A 390 -43.00 0.57 3.04
C TRP A 390 -43.35 -0.12 4.36
N GLN A 391 -42.39 -0.91 4.86
CA GLN A 391 -42.54 -1.69 6.07
C GLN A 391 -41.52 -1.22 7.09
N THR A 392 -41.97 -1.07 8.35
CA THR A 392 -41.13 -0.56 9.43
C THR A 392 -40.90 -1.66 10.46
N LEU A 393 -39.70 -1.65 11.06
CA LEU A 393 -39.29 -2.59 12.08
C LEU A 393 -38.57 -1.82 13.18
N GLY A 394 -39.06 -1.97 14.42
CA GLY A 394 -38.51 -1.29 15.58
C GLY A 394 -39.05 0.13 15.72
N GLU A 395 -38.36 0.95 16.52
CA GLU A 395 -38.75 2.33 16.80
C GLU A 395 -38.45 3.21 15.59
N VAL A 396 -39.51 3.80 15.04
CA VAL A 396 -39.48 4.52 13.77
C VAL A 396 -40.23 5.85 13.92
N PRO A 397 -39.86 6.91 13.15
CA PRO A 397 -40.62 8.17 13.12
C PRO A 397 -42.04 8.01 12.58
N PRO A 398 -42.96 8.99 12.83
CA PRO A 398 -44.30 8.98 12.23
C PRO A 398 -44.33 8.87 10.71
N ALA A 399 -45.49 8.44 10.18
CA ALA A 399 -45.68 8.05 8.79
C ALA A 399 -45.50 9.24 7.83
N PRO A 400 -46.04 10.46 8.08
CA PRO A 400 -45.80 11.61 7.21
C PRO A 400 -44.33 12.03 7.11
N ALA A 401 -43.55 11.71 8.16
CA ALA A 401 -42.13 12.02 8.23
C ALA A 401 -41.32 10.95 7.51
N VAL A 402 -41.86 9.72 7.46
CA VAL A 402 -41.24 8.59 6.77
C VAL A 402 -41.23 8.86 5.26
N ASP A 403 -42.36 9.37 4.75
CA ASP A 403 -42.54 9.64 3.34
C ASP A 403 -41.76 10.88 2.91
N ALA A 404 -41.38 11.71 3.89
CA ALA A 404 -40.52 12.87 3.67
C ALA A 404 -39.06 12.44 3.64
N LEU A 405 -38.72 11.39 4.41
CA LEU A 405 -37.37 10.88 4.53
C LEU A 405 -36.97 10.10 3.28
N LEU A 406 -37.94 9.36 2.72
CA LEU A 406 -37.72 8.55 1.52
C LEU A 406 -37.69 9.44 0.28
N ALA A 407 -38.28 10.64 0.39
CA ALA A 407 -38.25 11.65 -0.66
C ALA A 407 -36.89 12.33 -0.73
N TRP A 408 -36.21 12.38 0.42
CA TRP A 408 -34.90 13.02 0.56
C TRP A 408 -33.80 12.14 -0.01
N LEU A 409 -33.98 10.81 0.13
CA LEU A 409 -32.97 9.84 -0.26
C LEU A 409 -32.95 9.65 -1.78
N GLU A 410 -34.08 9.93 -2.43
CA GLU A 410 -34.22 9.83 -3.88
C GLU A 410 -33.46 10.95 -4.57
N THR A 411 -33.42 12.14 -3.92
CA THR A 411 -32.75 13.32 -4.43
C THR A 411 -31.24 13.21 -4.23
N GLN A 412 -30.82 12.33 -3.31
CA GLN A 412 -29.42 12.09 -3.02
C GLN A 412 -28.80 11.25 -4.13
N PRO A 413 -27.71 11.74 -4.79
CA PRO A 413 -27.14 11.05 -5.95
C PRO A 413 -26.31 9.81 -5.65
N GLY A 414 -25.81 9.72 -4.40
CA GLY A 414 -24.93 8.64 -3.97
C GLY A 414 -25.66 7.31 -3.83
N ALA A 415 -24.88 6.22 -3.90
CA ALA A 415 -25.39 4.87 -3.73
C ALA A 415 -25.62 4.57 -2.26
N LEU A 416 -24.70 5.05 -1.40
CA LEU A 416 -24.80 4.90 0.04
C LEU A 416 -24.79 6.29 0.69
N VAL A 417 -25.69 6.48 1.66
CA VAL A 417 -25.76 7.69 2.46
C VAL A 417 -25.34 7.34 3.88
N GLN A 418 -24.21 7.92 4.32
CA GLN A 418 -23.66 7.69 5.65
C GLN A 418 -23.60 9.02 6.40
N THR A 419 -24.38 9.10 7.48
CA THR A 419 -24.43 10.27 8.35
C THR A 419 -24.76 9.84 9.78
N ASP A 420 -24.09 10.49 10.74
CA ASP A 420 -24.35 10.31 12.17
C ASP A 420 -25.18 11.47 12.69
N ALA A 421 -25.33 12.52 11.86
CA ALA A 421 -26.17 13.67 12.16
C ALA A 421 -26.97 14.04 10.91
N LEU A 422 -28.28 13.74 10.97
CA LEU A 422 -29.20 13.96 9.86
C LEU A 422 -29.64 15.43 9.83
N GLY A 423 -29.54 16.10 10.99
CA GLY A 423 -29.90 17.50 11.14
C GLY A 423 -28.95 18.43 10.37
N GLN A 424 -27.73 17.94 10.09
CA GLN A 424 -26.72 18.67 9.36
C GLN A 424 -27.02 18.63 7.86
N LEU A 425 -27.30 17.42 7.36
CA LEU A 425 -27.52 17.18 5.93
C LEU A 425 -28.91 17.65 5.51
N TRP A 426 -29.93 17.24 6.27
CA TRP A 426 -31.32 17.57 5.99
C TRP A 426 -31.85 18.51 7.06
N PRO A 427 -32.08 19.81 6.72
CA PRO A 427 -32.49 20.82 7.71
C PRO A 427 -33.94 20.70 8.18
N ALA A 428 -34.80 20.13 7.32
CA ALA A 428 -36.21 19.96 7.61
C ALA A 428 -36.43 18.79 8.55
N GLY A 429 -35.51 17.80 8.49
CA GLY A 429 -35.55 16.61 9.32
C GLY A 429 -34.50 16.66 10.43
N ALA A 430 -34.65 17.66 11.32
CA ALA A 430 -33.78 17.83 12.47
C ALA A 430 -34.57 17.60 13.76
N ASP A 431 -35.91 17.72 13.65
CA ASP A 431 -36.83 17.54 14.77
C ASP A 431 -37.16 16.06 14.94
N LEU A 432 -36.76 15.24 13.96
CA LEU A 432 -37.05 13.81 13.93
C LEU A 432 -35.81 13.02 14.35
N ALA A 433 -34.98 13.66 15.20
CA ALA A 433 -33.74 13.09 15.70
C ALA A 433 -33.99 12.05 16.79
N PRO A 434 -34.96 12.21 17.73
CA PRO A 434 -35.22 11.22 18.79
C PRO A 434 -35.31 9.76 18.36
N SER A 435 -35.67 9.52 17.10
CA SER A 435 -35.79 8.19 16.53
C SER A 435 -34.79 7.99 15.39
N ALA A 436 -34.52 9.07 14.64
CA ALA A 436 -33.64 9.02 13.47
C ALA A 436 -32.63 10.16 13.53
N ALA A 437 -31.48 9.89 14.16
CA ALA A 437 -30.39 10.84 14.25
C ALA A 437 -29.25 10.41 13.32
N GLY A 438 -28.82 9.15 13.46
CA GLY A 438 -27.83 8.55 12.57
C GLY A 438 -28.51 7.68 11.51
N LEU A 439 -28.05 7.80 10.27
CA LEU A 439 -28.69 7.16 9.13
C LEU A 439 -27.67 6.42 8.28
N LEU A 440 -28.05 5.20 7.86
CA LEU A 440 -27.30 4.39 6.91
C LEU A 440 -28.29 3.81 5.90
N ALA A 441 -28.20 4.30 4.65
CA ALA A 441 -29.12 3.94 3.59
C ALA A 441 -28.38 3.34 2.40
N ILE A 442 -28.90 2.22 1.90
CA ILE A 442 -28.38 1.50 0.75
C ILE A 442 -29.51 1.39 -0.28
N SER A 443 -29.19 1.63 -1.56
CA SER A 443 -30.12 1.42 -2.64
C SER A 443 -29.72 0.18 -3.45
N VAL A 444 -30.50 -0.91 -3.26
CA VAL A 444 -30.35 -2.11 -4.06
C VAL A 444 -30.92 -1.83 -5.45
N GLY A 445 -30.05 -1.99 -6.47
CA GLY A 445 -30.33 -1.51 -7.81
C GLY A 445 -29.86 -0.06 -7.97
N GLU A 446 -30.78 0.80 -8.45
CA GLU A 446 -30.53 2.22 -8.64
C GLU A 446 -31.86 2.97 -8.69
N GLY A 447 -31.85 4.21 -8.18
CA GLY A 447 -32.98 5.12 -8.27
C GLY A 447 -33.71 5.30 -6.95
N TRP A 448 -33.32 4.51 -5.94
CA TRP A 448 -33.90 4.51 -4.59
C TRP A 448 -35.35 4.03 -4.62
N SER A 449 -35.63 3.05 -5.49
CA SER A 449 -36.93 2.42 -5.58
C SER A 449 -37.07 1.36 -4.48
N GLU A 450 -36.05 0.50 -4.39
CA GLU A 450 -35.92 -0.48 -3.33
C GLU A 450 -34.72 -0.10 -2.46
N CYS A 451 -34.99 0.17 -1.18
CA CYS A 451 -33.97 0.67 -0.26
C CYS A 451 -34.19 0.17 1.16
N LEU A 452 -33.08 -0.01 1.89
CA LEU A 452 -33.06 -0.28 3.32
C LEU A 452 -32.47 0.93 4.02
N VAL A 453 -33.09 1.32 5.14
CA VAL A 453 -32.63 2.47 5.92
C VAL A 453 -32.44 2.04 7.37
N TRP A 454 -31.27 2.36 7.93
CA TRP A 454 -30.93 2.11 9.33
C TRP A 454 -30.98 3.42 10.12
N LEU A 455 -31.58 3.37 11.31
CA LEU A 455 -31.80 4.54 12.14
C LEU A 455 -31.24 4.28 13.54
N ARG A 456 -30.33 5.15 13.99
CA ARG A 456 -29.76 5.08 15.32
C ARG A 456 -30.38 6.16 16.22
N PRO A 457 -30.61 5.87 17.52
CA PRO A 457 -31.21 6.85 18.45
C PRO A 457 -30.34 8.08 18.73
N GLU A 458 -30.99 9.13 19.26
CA GLU A 458 -30.40 10.44 19.48
C GLU A 458 -29.50 10.42 20.72
N LEU A 459 -28.31 11.02 20.56
CA LEU A 459 -27.39 11.28 21.66
C LEU A 459 -26.77 12.68 21.49
N ARG A 460 -26.80 13.46 22.57
CA ARG A 460 -26.36 14.85 22.56
C ARG A 460 -24.85 14.91 22.80
N LEU A 461 -24.19 15.74 21.99
CA LEU A 461 -22.74 15.93 22.04
C LEU A 461 -22.41 17.42 22.11
N GLU A 462 -21.51 17.76 23.04
CA GLU A 462 -21.04 19.11 23.28
C GLU A 462 -19.51 19.10 23.37
N VAL A 463 -18.88 20.01 22.60
CA VAL A 463 -17.43 20.10 22.50
C VAL A 463 -16.92 21.07 23.58
N ALA A 464 -15.82 20.67 24.24
CA ALA A 464 -15.26 21.41 25.36
C ALA A 464 -13.74 21.27 25.38
N TRP A 465 -13.05 22.35 25.76
CA TRP A 465 -11.63 22.36 26.09
C TRP A 465 -11.43 23.14 27.39
N GLY A 478 -3.06 31.35 18.82
CA GLY A 478 -4.28 31.16 19.62
C GLY A 478 -5.13 29.99 19.11
N PRO A 479 -5.06 28.79 19.75
CA PRO A 479 -5.83 27.62 19.31
C PRO A 479 -7.29 27.60 19.76
N ARG A 480 -7.62 28.48 20.73
CA ARG A 480 -8.89 28.42 21.45
C ARG A 480 -10.01 29.11 20.67
N HIS A 481 -9.64 30.09 19.81
CA HIS A 481 -10.60 30.78 18.97
C HIS A 481 -10.92 29.95 17.73
N SER A 482 -10.00 29.04 17.37
CA SER A 482 -10.20 28.06 16.31
C SER A 482 -11.08 26.92 16.82
N PHE A 483 -11.04 26.70 18.15
CA PHE A 483 -11.79 25.64 18.82
C PHE A 483 -13.27 26.00 18.91
N ASP A 484 -13.55 27.31 18.95
CA ASP A 484 -14.90 27.85 19.12
C ASP A 484 -15.71 27.74 17.82
N THR A 485 -15.01 27.70 16.68
CA THR A 485 -15.63 27.55 15.37
C THR A 485 -16.11 26.11 15.17
N TYR A 486 -15.41 25.17 15.82
CA TYR A 486 -15.75 23.75 15.81
C TYR A 486 -16.88 23.48 16.80
N LEU A 487 -17.01 24.37 17.81
CA LEU A 487 -18.00 24.25 18.87
C LEU A 487 -19.39 24.59 18.33
N GLU A 488 -19.43 25.50 17.34
CA GLU A 488 -20.67 26.04 16.81
C GLU A 488 -21.31 25.07 15.82
N GLU A 489 -20.49 24.17 15.25
CA GLU A 489 -20.90 23.30 14.16
C GLU A 489 -21.77 22.16 14.67
N LYS A 490 -21.39 21.57 15.82
CA LYS A 490 -22.03 20.38 16.36
C LYS A 490 -23.11 20.78 17.36
N ARG A 491 -24.26 20.10 17.27
CA ARG A 491 -25.39 20.32 18.16
C ARG A 491 -26.00 18.98 18.57
N GLY A 492 -26.53 18.23 17.59
CA GLY A 492 -27.19 16.96 17.81
C GLY A 492 -26.65 15.86 16.90
N TYR A 493 -26.31 14.72 17.52
CA TYR A 493 -25.60 13.64 16.84
C TYR A 493 -26.18 12.28 17.25
N ALA A 494 -25.42 11.22 16.94
CA ALA A 494 -25.71 9.84 17.31
C ALA A 494 -24.39 9.07 17.45
N GLU A 495 -24.50 7.74 17.58
CA GLU A 495 -23.35 6.85 17.61
C GLU A 495 -22.70 6.82 16.22
N PRO A 496 -21.39 7.18 16.09
CA PRO A 496 -20.71 7.16 14.79
C PRO A 496 -20.53 5.76 14.24
N TRP A 497 -20.63 5.64 12.91
CA TRP A 497 -20.65 4.37 12.20
C TRP A 497 -19.24 3.78 12.14
N HIS A 498 -19.15 2.49 12.48
CA HIS A 498 -17.91 1.73 12.41
C HIS A 498 -17.65 1.33 10.97
N PRO A 499 -16.40 1.47 10.45
CA PRO A 499 -16.06 1.07 9.07
C PRO A 499 -16.20 -0.43 8.76
N GLY A 500 -16.21 -1.25 9.83
CA GLY A 500 -16.45 -2.67 9.73
C GLY A 500 -17.92 -2.99 9.40
N GLU A 501 -18.81 -2.06 9.78
CA GLU A 501 -20.24 -2.18 9.54
C GLU A 501 -20.55 -1.82 8.08
N ILE A 502 -19.84 -0.81 7.56
CA ILE A 502 -20.02 -0.27 6.21
C ILE A 502 -19.65 -1.35 5.19
N GLU A 503 -18.64 -2.16 5.52
CA GLU A 503 -18.12 -3.19 4.64
C GLU A 503 -19.06 -4.39 4.59
N GLU A 504 -19.87 -4.56 5.65
CA GLU A 504 -20.86 -5.63 5.71
C GLU A 504 -22.21 -5.14 5.16
N ALA A 505 -22.42 -3.82 5.19
CA ALA A 505 -23.62 -3.18 4.67
C ALA A 505 -23.61 -3.22 3.14
N GLN A 506 -22.42 -3.07 2.56
CA GLN A 506 -22.23 -3.02 1.11
C GLN A 506 -22.00 -4.42 0.55
N ASP A 507 -21.84 -5.41 1.45
CA ASP A 507 -21.73 -6.81 1.06
C ASP A 507 -23.12 -7.44 0.97
N LEU A 508 -24.11 -6.80 1.60
CA LEU A 508 -25.51 -7.18 1.47
C LEU A 508 -26.10 -6.61 0.18
N ARG A 509 -25.51 -5.51 -0.31
CA ARG A 509 -25.90 -4.87 -1.55
C ARG A 509 -25.57 -5.78 -2.73
N ASP A 510 -24.42 -6.48 -2.65
CA ASP A 510 -23.87 -7.26 -3.74
C ASP A 510 -24.58 -8.59 -3.90
N THR A 511 -25.28 -9.04 -2.84
CA THR A 511 -25.94 -10.34 -2.84
C THR A 511 -27.45 -10.17 -3.06
N LEU A 512 -27.96 -8.95 -2.80
CA LEU A 512 -29.36 -8.63 -3.05
C LEU A 512 -29.57 -8.25 -4.51
N THR A 513 -28.62 -7.48 -5.08
CA THR A 513 -28.69 -7.03 -6.47
C THR A 513 -28.40 -8.19 -7.41
N GLY A 514 -27.64 -9.19 -6.92
CA GLY A 514 -27.41 -10.44 -7.63
C GLY A 514 -28.67 -11.31 -7.70
N ALA A 515 -29.60 -11.06 -6.77
CA ALA A 515 -30.88 -11.76 -6.70
C ALA A 515 -31.96 -10.97 -7.44
N LEU A 516 -31.67 -9.71 -7.77
CA LEU A 516 -32.53 -8.86 -8.57
C LEU A 516 -32.57 -9.36 -10.02
N GLY A 517 -31.63 -10.24 -10.37
CA GLY A 517 -31.54 -10.85 -11.69
C GLY A 517 -32.22 -12.21 -11.77
N GLU A 518 -32.21 -12.95 -10.66
CA GLU A 518 -32.82 -14.27 -10.58
C GLU A 518 -34.34 -14.13 -10.46
N ARG A 519 -34.78 -13.05 -9.79
CA ARG A 519 -36.19 -12.72 -9.63
C ARG A 519 -36.81 -12.34 -10.97
N LEU A 520 -36.00 -11.74 -11.85
CA LEU A 520 -36.40 -11.21 -13.15
C LEU A 520 -36.86 -12.34 -14.07
N SER A 521 -36.18 -13.49 -13.98
CA SER A 521 -36.37 -14.63 -14.88
C SER A 521 -37.77 -15.23 -14.74
N VAL A 522 -38.19 -15.46 -13.49
CA VAL A 522 -39.39 -16.23 -13.18
C VAL A 522 -40.64 -15.37 -13.40
N ILE A 523 -40.49 -14.04 -13.28
CA ILE A 523 -41.57 -13.09 -13.48
C ILE A 523 -42.02 -13.12 -14.94
N ARG A 524 -41.06 -13.18 -15.86
CA ARG A 524 -41.31 -13.29 -17.29
C ARG A 524 -41.93 -14.64 -17.62
N ASP A 525 -41.50 -15.69 -16.90
CA ASP A 525 -41.97 -17.05 -17.06
C ASP A 525 -43.47 -17.13 -16.71
N LEU A 526 -43.86 -16.37 -15.70
CA LEU A 526 -45.25 -16.28 -15.24
C LEU A 526 -46.11 -15.57 -16.28
N ASN A 527 -45.49 -14.67 -17.04
CA ASN A 527 -46.15 -13.93 -18.11
C ASN A 527 -46.30 -14.83 -19.33
N ARG A 528 -45.28 -15.67 -19.57
CA ARG A 528 -45.19 -16.52 -20.74
C ARG A 528 -46.17 -17.70 -20.62
N ALA A 529 -46.36 -18.19 -19.40
CA ALA A 529 -47.29 -19.28 -19.12
C ALA A 529 -48.74 -18.76 -19.19
N LEU A 530 -48.92 -17.50 -18.80
CA LEU A 530 -50.22 -16.84 -18.78
C LEU A 530 -50.74 -16.68 -20.21
N THR A 531 -49.84 -16.30 -21.13
CA THR A 531 -50.17 -16.07 -22.53
C THR A 531 -50.53 -17.39 -23.21
N GLN A 532 -49.90 -18.48 -22.76
CA GLN A 532 -50.14 -19.83 -23.26
C GLN A 532 -51.55 -20.26 -22.87
N SER A 533 -51.97 -19.89 -21.65
CA SER A 533 -53.30 -20.20 -21.14
C SER A 533 -54.35 -19.28 -21.76
N ASN A 534 -53.92 -18.06 -22.13
CA ASN A 534 -54.78 -17.09 -22.79
C ASN A 534 -55.05 -17.51 -24.23
N ALA A 535 -54.06 -18.17 -24.85
CA ALA A 535 -54.19 -18.69 -26.21
C ALA A 535 -54.72 -20.12 -26.16
N GLU B 36 11.04 -36.22 -5.52
CA GLU B 36 9.60 -36.62 -5.45
C GLU B 36 9.00 -36.18 -4.12
N ASN B 37 9.72 -36.48 -3.02
CA ASN B 37 9.30 -36.13 -1.67
C ASN B 37 10.19 -34.99 -1.15
N CYS B 38 10.50 -34.04 -2.04
CA CYS B 38 11.36 -32.91 -1.75
C CYS B 38 10.55 -31.70 -1.29
N GLU B 39 9.22 -31.86 -1.26
CA GLU B 39 8.28 -30.83 -0.86
C GLU B 39 7.83 -31.07 0.59
N ARG B 40 8.39 -32.11 1.22
CA ARG B 40 8.02 -32.52 2.56
C ARG B 40 9.24 -32.47 3.49
N GLU B 41 10.35 -31.95 2.98
CA GLU B 41 11.60 -31.86 3.72
C GLU B 41 11.52 -30.73 4.75
N PRO B 42 11.83 -31.00 6.04
CA PRO B 42 11.82 -29.96 7.07
C PRO B 42 13.03 -29.02 6.97
N ILE B 43 12.78 -27.83 6.40
CA ILE B 43 13.80 -26.83 6.15
C ILE B 43 14.04 -26.01 7.42
N HIS B 44 13.03 -26.00 8.30
CA HIS B 44 13.00 -25.19 9.51
C HIS B 44 13.95 -25.76 10.57
N ILE B 45 14.19 -27.09 10.52
CA ILE B 45 15.06 -27.77 11.48
C ILE B 45 16.21 -28.45 10.74
N PRO B 46 17.34 -27.75 10.50
CA PRO B 46 18.54 -28.39 9.95
C PRO B 46 19.36 -29.12 11.02
N GLY B 47 19.44 -28.53 12.22
CA GLY B 47 20.23 -29.06 13.32
C GLY B 47 21.71 -28.72 13.18
N SER B 48 22.03 -27.79 12.27
CA SER B 48 23.39 -27.36 11.98
C SER B 48 23.39 -25.94 11.40
N ILE B 49 24.55 -25.27 11.47
CA ILE B 49 24.69 -23.88 11.06
C ILE B 49 25.79 -23.77 9.99
N GLN B 50 25.91 -22.55 9.41
CA GLN B 50 26.91 -22.22 8.41
C GLN B 50 28.21 -21.79 9.08
N PRO B 51 29.39 -22.26 8.61
CA PRO B 51 30.65 -22.03 9.32
C PRO B 51 31.33 -20.71 8.98
N HIS B 52 30.77 -19.61 9.49
CA HIS B 52 31.34 -18.29 9.35
C HIS B 52 30.87 -17.36 10.48
N GLY B 53 30.60 -17.94 11.64
CA GLY B 53 30.11 -17.22 12.81
C GLY B 53 29.99 -18.12 14.03
N ALA B 54 29.05 -17.78 14.93
CA ALA B 54 28.75 -18.56 16.12
C ALA B 54 27.28 -18.41 16.49
N LEU B 55 26.72 -19.43 17.14
CA LEU B 55 25.32 -19.45 17.56
C LEU B 55 25.20 -20.07 18.95
N LEU B 56 24.37 -19.44 19.79
CA LEU B 56 24.02 -19.91 21.11
C LEU B 56 22.51 -19.74 21.31
N THR B 57 21.86 -20.75 21.90
CA THR B 57 20.47 -20.64 22.33
C THR B 57 20.38 -20.95 23.82
N ALA B 58 19.74 -20.04 24.56
CA ALA B 58 19.66 -20.11 26.00
C ALA B 58 18.24 -19.78 26.46
N ASP B 59 17.92 -20.20 27.69
CA ASP B 59 16.61 -20.02 28.31
C ASP B 59 16.36 -18.53 28.54
N GLY B 60 15.14 -18.10 28.19
CA GLY B 60 14.78 -16.69 28.20
C GLY B 60 14.18 -16.24 29.53
N HIS B 61 14.72 -16.79 30.63
CA HIS B 61 14.37 -16.38 31.97
C HIS B 61 15.61 -16.44 32.86
N SER B 62 16.30 -17.58 32.83
CA SER B 62 17.51 -17.80 33.62
C SER B 62 18.72 -17.19 32.89
N GLY B 63 18.85 -17.52 31.60
CA GLY B 63 20.00 -17.12 30.79
C GLY B 63 21.05 -18.23 30.74
N GLU B 64 20.67 -19.44 31.17
CA GLU B 64 21.55 -20.59 31.22
C GLU B 64 21.76 -21.14 29.81
N VAL B 65 23.03 -21.31 29.44
CA VAL B 65 23.45 -21.75 28.12
C VAL B 65 23.10 -23.23 27.97
N LEU B 66 22.32 -23.53 26.93
CA LEU B 66 21.80 -24.87 26.68
C LEU B 66 22.47 -25.48 25.45
N GLN B 67 22.23 -24.88 24.28
CA GLN B 67 22.76 -25.36 23.01
C GLN B 67 23.87 -24.43 22.53
N MET B 68 24.83 -25.01 21.81
CA MET B 68 26.04 -24.33 21.38
C MET B 68 26.72 -25.15 20.30
N SER B 69 27.14 -24.49 19.21
CA SER B 69 27.83 -25.13 18.09
C SER B 69 29.25 -25.51 18.50
N LEU B 70 29.83 -26.48 17.77
CA LEU B 70 31.14 -27.04 18.06
C LEU B 70 32.25 -26.01 17.82
N ASN B 71 32.00 -25.08 16.89
CA ASN B 71 32.98 -24.10 16.44
C ASN B 71 33.09 -22.95 17.42
N ALA B 72 32.07 -22.79 18.28
CA ALA B 72 31.90 -21.62 19.14
C ALA B 72 33.00 -21.53 20.19
N ALA B 73 33.59 -22.68 20.55
CA ALA B 73 34.67 -22.77 21.51
C ALA B 73 35.93 -22.07 20.99
N THR B 74 36.20 -22.26 19.70
CA THR B 74 37.38 -21.71 19.04
C THR B 74 37.13 -20.25 18.65
N PHE B 75 35.87 -19.94 18.31
CA PHE B 75 35.48 -18.64 17.77
C PHE B 75 35.49 -17.59 18.88
N LEU B 76 34.84 -17.89 20.01
CA LEU B 76 34.67 -16.95 21.11
C LEU B 76 35.94 -16.87 21.94
N GLY B 77 36.76 -17.93 21.88
CA GLY B 77 38.07 -17.96 22.52
C GLY B 77 37.97 -18.27 24.02
N GLN B 78 37.03 -19.14 24.38
CA GLN B 78 36.84 -19.62 25.73
C GLN B 78 36.62 -21.13 25.70
N GLU B 79 36.97 -21.79 26.82
CA GLU B 79 36.78 -23.22 26.99
C GLU B 79 35.28 -23.54 26.98
N PRO B 80 34.86 -24.66 26.32
CA PRO B 80 33.43 -25.00 26.22
C PRO B 80 32.77 -25.39 27.55
N THR B 81 33.60 -25.87 28.49
CA THR B 81 33.15 -26.30 29.81
C THR B 81 32.72 -25.09 30.64
N VAL B 82 33.38 -23.94 30.40
CA VAL B 82 33.08 -22.68 31.07
C VAL B 82 31.77 -22.13 30.54
N LEU B 83 31.60 -22.17 29.20
CA LEU B 83 30.45 -21.62 28.51
C LEU B 83 29.19 -22.43 28.85
N ARG B 84 29.32 -23.75 28.90
CA ARG B 84 28.22 -24.64 29.26
C ARG B 84 27.97 -24.54 30.76
N GLY B 85 26.72 -24.19 31.12
CA GLY B 85 26.33 -23.96 32.49
C GLY B 85 26.79 -22.58 32.99
N GLN B 86 26.59 -21.56 32.15
CA GLN B 86 26.90 -20.18 32.48
C GLN B 86 25.73 -19.29 32.11
N THR B 87 25.47 -18.29 32.97
CA THR B 87 24.42 -17.32 32.76
C THR B 87 24.88 -16.25 31.76
N LEU B 88 23.90 -15.65 31.07
CA LEU B 88 24.14 -14.59 30.09
C LEU B 88 24.43 -13.27 30.79
N ALA B 89 24.17 -13.21 32.10
CA ALA B 89 24.46 -12.06 32.94
C ALA B 89 25.94 -12.00 33.28
N ALA B 90 26.64 -13.13 33.10
CA ALA B 90 28.06 -13.25 33.37
C ALA B 90 28.88 -13.02 32.10
N LEU B 91 28.40 -13.59 30.98
CA LEU B 91 29.12 -13.57 29.71
C LEU B 91 28.96 -12.21 29.04
N LEU B 92 27.71 -11.73 28.94
CA LEU B 92 27.40 -10.42 28.37
C LEU B 92 26.75 -9.56 29.45
N PRO B 93 27.54 -8.92 30.34
CA PRO B 93 27.01 -8.29 31.55
C PRO B 93 26.35 -6.92 31.35
N GLU B 94 26.52 -6.34 30.16
CA GLU B 94 26.04 -4.99 29.89
C GLU B 94 24.84 -5.03 28.94
N GLN B 95 24.76 -6.09 28.11
CA GLN B 95 23.77 -6.16 27.05
C GLN B 95 22.47 -6.81 27.54
N TRP B 96 22.54 -7.51 28.68
CA TRP B 96 21.40 -8.25 29.23
C TRP B 96 20.25 -7.33 29.64
N PRO B 97 20.46 -6.22 30.40
CA PRO B 97 19.36 -5.34 30.80
C PRO B 97 18.77 -4.50 29.66
N ALA B 98 19.36 -4.65 28.46
CA ALA B 98 18.86 -4.03 27.24
C ALA B 98 18.19 -5.09 26.36
N LEU B 99 18.67 -6.33 26.47
CA LEU B 99 18.18 -7.45 25.67
C LEU B 99 16.77 -7.82 26.11
N GLN B 100 16.57 -7.92 27.43
CA GLN B 100 15.34 -8.44 28.00
C GLN B 100 14.24 -7.38 27.95
N ALA B 101 14.65 -6.10 27.90
CA ALA B 101 13.74 -4.98 27.86
C ALA B 101 13.06 -4.88 26.49
N ALA B 102 13.87 -5.00 25.43
CA ALA B 102 13.40 -4.83 24.06
C ALA B 102 12.64 -6.08 23.59
N LEU B 103 12.90 -7.21 24.26
CA LEU B 103 12.27 -8.48 23.94
C LEU B 103 11.48 -8.99 25.14
N PRO B 104 10.19 -8.59 25.31
CA PRO B 104 9.34 -9.16 26.35
C PRO B 104 8.85 -10.56 25.96
N PRO B 105 8.52 -11.44 26.93
CA PRO B 105 7.87 -12.72 26.62
C PRO B 105 6.43 -12.49 26.14
N GLY B 106 6.17 -12.84 24.87
CA GLY B 106 4.86 -12.66 24.26
C GLY B 106 4.94 -12.08 22.86
N CYS B 107 6.01 -11.33 22.57
CA CYS B 107 6.26 -10.70 21.28
C CYS B 107 6.50 -11.75 20.21
N PRO B 108 6.16 -11.48 18.92
CA PRO B 108 6.37 -12.45 17.83
C PRO B 108 7.85 -12.71 17.53
N ASP B 109 8.12 -13.86 16.89
CA ASP B 109 9.47 -14.30 16.57
C ASP B 109 9.95 -13.69 15.25
N ALA B 110 9.43 -12.48 14.95
CA ALA B 110 9.80 -11.69 13.79
C ALA B 110 10.61 -10.48 14.24
N LEU B 111 10.38 -10.04 15.48
CA LEU B 111 11.12 -8.96 16.11
C LEU B 111 12.57 -9.39 16.34
N GLN B 112 13.49 -8.48 16.00
CA GLN B 112 14.92 -8.73 16.10
C GLN B 112 15.60 -7.54 16.79
N TYR B 113 16.73 -7.81 17.44
CA TYR B 113 17.51 -6.80 18.15
C TYR B 113 18.98 -6.97 17.80
N ARG B 114 19.57 -5.91 17.23
CA ARG B 114 20.97 -5.90 16.84
C ARG B 114 21.77 -5.05 17.83
N ALA B 115 22.99 -5.51 18.14
CA ALA B 115 23.92 -4.80 19.01
C ALA B 115 25.35 -5.09 18.56
N THR B 116 26.24 -4.12 18.81
CA THR B 116 27.67 -4.24 18.53
C THR B 116 28.47 -4.12 19.83
N LEU B 117 29.29 -5.13 20.09
CA LEU B 117 30.05 -5.25 21.32
C LEU B 117 31.49 -5.69 21.03
N ASP B 118 32.41 -5.26 21.90
CA ASP B 118 33.84 -5.49 21.72
C ASP B 118 34.29 -6.69 22.55
N TRP B 119 35.14 -7.52 21.94
CA TRP B 119 35.68 -8.73 22.55
C TRP B 119 37.20 -8.80 22.33
N PRO B 120 37.99 -9.29 23.31
CA PRO B 120 39.44 -9.34 23.19
C PRO B 120 39.96 -10.36 22.19
N ALA B 121 39.17 -11.41 21.94
CA ALA B 121 39.61 -12.60 21.24
C ALA B 121 39.69 -12.36 19.72
N ALA B 122 38.65 -11.75 19.15
CA ALA B 122 38.47 -11.69 17.70
C ALA B 122 38.17 -10.26 17.24
N GLY B 123 38.34 -9.30 18.15
CA GLY B 123 37.92 -7.92 17.92
C GLY B 123 36.45 -7.73 18.24
N HIS B 124 35.87 -6.63 17.75
CA HIS B 124 34.46 -6.32 17.98
C HIS B 124 33.59 -7.14 17.02
N LEU B 125 32.53 -7.74 17.57
CA LEU B 125 31.67 -8.66 16.85
C LEU B 125 30.27 -8.06 16.65
N SER B 126 29.44 -8.76 15.89
CA SER B 126 28.04 -8.42 15.67
C SER B 126 27.14 -9.38 16.43
N LEU B 127 26.26 -8.81 17.25
CA LEU B 127 25.30 -9.55 18.06
C LEU B 127 23.90 -9.32 17.52
N THR B 128 23.19 -10.41 17.25
CA THR B 128 21.81 -10.38 16.79
C THR B 128 21.00 -11.41 17.58
N VAL B 129 19.93 -10.94 18.23
CA VAL B 129 19.15 -11.77 19.14
C VAL B 129 17.67 -11.74 18.73
N HIS B 130 16.97 -12.84 19.03
CA HIS B 130 15.51 -12.89 18.98
C HIS B 130 15.00 -13.96 19.95
N ARG B 131 13.66 -14.15 19.98
CA ARG B 131 13.00 -14.96 21.00
C ARG B 131 11.97 -15.89 20.37
N VAL B 132 12.21 -17.20 20.54
CA VAL B 132 11.28 -18.26 20.17
C VAL B 132 10.87 -18.98 21.46
N GLY B 133 9.55 -19.00 21.73
CA GLY B 133 8.98 -19.59 22.92
C GLY B 133 9.49 -18.91 24.19
N GLU B 134 10.30 -19.66 24.96
CA GLU B 134 11.03 -19.14 26.10
C GLU B 134 12.51 -19.47 25.92
N LEU B 135 13.04 -19.15 24.74
CA LEU B 135 14.41 -19.44 24.36
C LEU B 135 14.94 -18.30 23.50
N LEU B 136 15.93 -17.57 24.05
CA LEU B 136 16.61 -16.48 23.36
C LEU B 136 17.66 -17.06 22.44
N ILE B 137 17.70 -16.54 21.19
CA ILE B 137 18.57 -17.07 20.15
C ILE B 137 19.60 -16.01 19.77
N LEU B 138 20.87 -16.31 20.04
CA LEU B 138 21.98 -15.40 19.85
C LEU B 138 22.73 -15.77 18.58
N GLU B 139 23.06 -14.76 17.78
CA GLU B 139 23.82 -14.93 16.55
C GLU B 139 25.05 -14.04 16.58
N PHE B 140 26.17 -14.60 16.12
CA PHE B 140 27.48 -13.94 16.17
C PHE B 140 28.13 -13.98 14.80
N GLU B 141 28.55 -12.80 14.32
CA GLU B 141 29.28 -12.65 13.06
C GLU B 141 30.39 -11.60 13.24
N PRO B 142 31.59 -11.79 12.63
CA PRO B 142 32.64 -10.76 12.65
C PRO B 142 32.30 -9.55 11.78
N THR B 143 32.45 -8.35 12.36
CA THR B 143 32.15 -7.10 11.70
C THR B 143 33.43 -6.28 11.52
N GLU B 144 33.33 -5.20 10.73
CA GLU B 144 34.43 -4.28 10.49
C GLU B 144 33.96 -2.83 10.66
N HIS B 152 25.43 8.17 1.62
CA HIS B 152 24.57 9.10 0.83
C HIS B 152 23.95 8.37 -0.36
N ALA B 153 24.40 7.13 -0.60
CA ALA B 153 23.97 6.33 -1.72
C ALA B 153 22.51 5.89 -1.57
N LEU B 154 22.09 5.69 -0.31
CA LEU B 154 20.78 5.18 0.03
C LEU B 154 19.72 6.28 -0.15
N ARG B 155 20.05 7.51 0.23
CA ARG B 155 19.13 8.63 0.18
C ARG B 155 18.87 9.03 -1.27
N ASN B 156 19.90 8.95 -2.11
CA ASN B 156 19.79 9.28 -3.52
C ASN B 156 18.98 8.22 -4.26
N ALA B 157 19.15 6.97 -3.84
CA ALA B 157 18.44 5.82 -4.40
C ALA B 157 16.94 5.92 -4.08
N MET B 158 16.62 6.43 -2.89
CA MET B 158 15.26 6.58 -2.41
C MET B 158 14.46 7.45 -3.38
N PHE B 159 15.02 8.62 -3.71
CA PHE B 159 14.36 9.60 -4.55
C PHE B 159 14.30 9.13 -6.01
N ALA B 160 15.26 8.28 -6.38
CA ALA B 160 15.33 7.69 -7.71
C ALA B 160 14.17 6.70 -7.91
N LEU B 161 13.83 5.96 -6.85
CA LEU B 161 12.77 4.96 -6.88
C LEU B 161 11.41 5.65 -6.89
N GLU B 162 11.31 6.77 -6.17
CA GLU B 162 10.07 7.53 -6.03
C GLU B 162 9.74 8.28 -7.31
N SER B 163 10.75 8.48 -8.17
CA SER B 163 10.57 9.14 -9.46
C SER B 163 10.95 8.20 -10.60
N ALA B 164 10.41 6.99 -10.56
CA ALA B 164 10.48 6.05 -11.67
C ALA B 164 9.17 6.11 -12.46
N PRO B 165 9.20 6.24 -13.81
CA PRO B 165 7.97 6.41 -14.60
C PRO B 165 7.03 5.21 -14.66
N ASN B 166 7.59 4.00 -14.65
CA ASN B 166 6.83 2.75 -14.75
C ASN B 166 7.57 1.64 -14.02
N LEU B 167 6.97 0.43 -14.05
CA LEU B 167 7.42 -0.71 -13.28
C LEU B 167 8.68 -1.33 -13.90
N ARG B 168 8.86 -1.13 -15.21
CA ARG B 168 10.06 -1.58 -15.93
C ARG B 168 11.27 -0.78 -15.43
N ALA B 169 11.08 0.54 -15.32
CA ALA B 169 12.15 1.47 -14.95
C ALA B 169 12.48 1.38 -13.47
N LEU B 170 11.46 1.06 -12.65
CA LEU B 170 11.63 0.85 -11.23
C LEU B 170 12.47 -0.41 -10.99
N ALA B 171 12.18 -1.46 -11.76
CA ALA B 171 12.86 -2.74 -11.66
C ALA B 171 14.32 -2.62 -12.09
N GLU B 172 14.56 -1.77 -13.10
CA GLU B 172 15.87 -1.60 -13.70
C GLU B 172 16.79 -0.83 -12.74
N VAL B 173 16.23 0.18 -12.06
CA VAL B 173 16.96 1.07 -11.18
C VAL B 173 17.34 0.33 -9.89
N ALA B 174 16.35 -0.37 -9.33
CA ALA B 174 16.51 -1.14 -8.10
C ALA B 174 17.70 -2.07 -8.21
N THR B 175 17.78 -2.80 -9.33
CA THR B 175 18.81 -3.79 -9.60
C THR B 175 20.16 -3.13 -9.83
N GLN B 176 20.13 -1.92 -10.40
CA GLN B 176 21.31 -1.13 -10.71
C GLN B 176 21.94 -0.59 -9.43
N THR B 177 21.08 -0.26 -8.45
CA THR B 177 21.50 0.26 -7.16
C THR B 177 22.18 -0.84 -6.35
N VAL B 178 21.57 -2.03 -6.33
CA VAL B 178 22.03 -3.16 -5.54
C VAL B 178 23.43 -3.57 -6.00
N ARG B 179 23.66 -3.55 -7.32
CA ARG B 179 24.94 -3.93 -7.91
C ARG B 179 26.01 -2.91 -7.55
N GLU B 180 25.61 -1.65 -7.30
CA GLU B 180 26.52 -0.57 -6.98
C GLU B 180 27.01 -0.68 -5.53
N LEU B 181 26.07 -0.93 -4.61
CA LEU B 181 26.37 -0.93 -3.17
C LEU B 181 27.07 -2.22 -2.77
N THR B 182 26.58 -3.36 -3.26
CA THR B 182 27.11 -4.65 -2.87
C THR B 182 28.37 -4.97 -3.66
N GLY B 183 28.26 -4.90 -4.99
CA GLY B 183 29.30 -5.34 -5.90
C GLY B 183 29.19 -6.83 -6.22
N PHE B 184 27.96 -7.27 -6.46
CA PHE B 184 27.69 -8.62 -6.93
C PHE B 184 27.85 -8.68 -8.45
N ASP B 185 28.09 -9.89 -8.97
CA ASP B 185 28.15 -10.17 -10.39
C ASP B 185 26.76 -9.98 -10.99
N ARG B 186 25.85 -10.92 -10.66
CA ARG B 186 24.51 -10.99 -11.20
C ARG B 186 23.49 -10.63 -10.12
N VAL B 187 22.59 -9.70 -10.46
CA VAL B 187 21.50 -9.26 -9.61
C VAL B 187 20.23 -9.18 -10.46
N MET B 188 19.25 -10.01 -10.11
CA MET B 188 18.00 -10.15 -10.84
C MET B 188 16.84 -9.67 -9.97
N LEU B 189 15.62 -9.86 -10.47
CA LEU B 189 14.37 -9.60 -9.75
C LEU B 189 13.27 -10.44 -10.37
N TYR B 190 12.85 -11.49 -9.66
CA TYR B 190 11.74 -12.32 -10.10
C TYR B 190 10.43 -11.62 -9.76
N LYS B 191 9.41 -11.88 -10.57
CA LYS B 191 8.04 -11.50 -10.27
C LYS B 191 7.16 -12.76 -10.36
N PHE B 192 6.55 -13.11 -9.23
CA PHE B 192 5.71 -14.30 -9.13
C PHE B 192 4.36 -14.04 -9.76
N ALA B 193 4.07 -14.80 -10.83
CA ALA B 193 2.78 -14.80 -11.49
C ALA B 193 1.76 -15.52 -10.61
N PRO B 194 0.45 -15.17 -10.65
CA PRO B 194 -0.56 -15.80 -9.79
C PRO B 194 -0.83 -17.30 -10.06
N ASP B 195 -0.04 -17.89 -10.96
CA ASP B 195 -0.06 -19.33 -11.18
C ASP B 195 1.22 -19.96 -10.62
N ALA B 196 1.90 -19.21 -9.73
CA ALA B 196 3.07 -19.61 -8.96
C ALA B 196 4.24 -19.97 -9.87
N THR B 197 4.57 -19.05 -10.79
CA THR B 197 5.73 -19.18 -11.66
C THR B 197 6.48 -17.84 -11.70
N GLY B 198 7.80 -17.91 -11.49
CA GLY B 198 8.66 -16.74 -11.51
C GLY B 198 9.00 -16.29 -12.93
N GLU B 199 9.17 -14.98 -13.10
CA GLU B 199 9.49 -14.38 -14.39
C GLU B 199 10.56 -13.31 -14.18
N VAL B 200 11.75 -13.56 -14.76
CA VAL B 200 12.88 -12.64 -14.69
C VAL B 200 12.55 -11.44 -15.55
N ILE B 201 12.43 -10.28 -14.90
CA ILE B 201 11.95 -9.06 -15.57
C ILE B 201 13.11 -8.08 -15.75
N ALA B 202 14.08 -8.10 -14.84
CA ALA B 202 15.20 -7.17 -14.86
C ALA B 202 16.50 -7.91 -14.53
N GLU B 203 17.63 -7.25 -14.83
CA GLU B 203 18.96 -7.78 -14.56
C GLU B 203 19.99 -6.64 -14.54
N ALA B 204 20.96 -6.78 -13.64
CA ALA B 204 22.18 -5.97 -13.64
C ALA B 204 23.37 -6.90 -13.54
N ARG B 205 24.00 -7.15 -14.70
CA ARG B 205 24.99 -8.20 -14.85
C ARG B 205 26.38 -7.62 -15.11
N ARG B 206 27.39 -8.48 -14.94
CA ARG B 206 28.77 -8.17 -15.27
C ARG B 206 29.03 -8.58 -16.72
N GLU B 207 29.95 -7.86 -17.37
CA GLU B 207 30.27 -8.03 -18.79
C GLU B 207 31.02 -9.34 -18.99
N GLY B 208 30.58 -10.12 -19.98
CA GLY B 208 31.16 -11.41 -20.32
C GLY B 208 30.31 -12.58 -19.85
N LEU B 209 29.03 -12.31 -19.58
CA LEU B 209 28.06 -13.30 -19.13
C LEU B 209 26.76 -13.13 -19.92
N HIS B 210 26.13 -14.27 -20.24
CA HIS B 210 24.86 -14.31 -20.94
C HIS B 210 23.73 -13.82 -20.03
N ALA B 211 22.73 -13.18 -20.64
CA ALA B 211 21.62 -12.57 -19.94
C ALA B 211 20.60 -13.64 -19.52
N PHE B 212 20.00 -13.41 -18.34
CA PHE B 212 18.97 -14.28 -17.78
C PHE B 212 17.59 -13.66 -17.98
N LEU B 213 17.54 -12.56 -18.74
CA LEU B 213 16.32 -11.79 -18.95
C LEU B 213 15.33 -12.62 -19.78
N GLY B 214 14.08 -12.67 -19.29
CA GLY B 214 13.00 -13.36 -19.96
C GLY B 214 12.86 -14.82 -19.53
N HIS B 215 13.79 -15.27 -18.67
CA HIS B 215 13.78 -16.62 -18.11
C HIS B 215 12.56 -16.80 -17.21
N ARG B 216 11.98 -18.00 -17.28
CA ARG B 216 10.83 -18.39 -16.48
C ARG B 216 11.07 -19.80 -15.96
N PHE B 217 10.68 -20.02 -14.69
CA PHE B 217 10.89 -21.31 -14.03
C PHE B 217 9.60 -21.75 -13.34
N PRO B 218 9.34 -23.08 -13.22
CA PRO B 218 8.06 -23.58 -12.69
C PRO B 218 7.91 -23.48 -11.16
N ALA B 219 6.83 -24.10 -10.65
CA ALA B 219 6.47 -24.06 -9.25
C ALA B 219 7.25 -25.11 -8.45
N SER B 220 7.91 -26.03 -9.17
CA SER B 220 8.56 -27.20 -8.59
C SER B 220 9.84 -26.83 -7.82
N ASP B 221 10.50 -25.76 -8.26
CA ASP B 221 11.81 -25.37 -7.76
C ASP B 221 11.69 -24.72 -6.38
N ILE B 222 10.65 -23.89 -6.19
CA ILE B 222 10.36 -23.29 -4.90
C ILE B 222 9.11 -23.96 -4.32
N PRO B 223 9.24 -24.92 -3.37
CA PRO B 223 8.10 -25.55 -2.71
C PRO B 223 7.35 -24.62 -1.76
N ALA B 224 6.28 -25.16 -1.16
CA ALA B 224 5.30 -24.38 -0.39
C ALA B 224 5.87 -23.96 0.97
N GLN B 225 6.61 -24.87 1.63
CA GLN B 225 7.11 -24.65 2.98
C GLN B 225 8.22 -23.60 2.97
N ALA B 226 8.87 -23.43 1.82
CA ALA B 226 9.89 -22.42 1.61
C ALA B 226 9.24 -21.04 1.45
N ARG B 227 8.10 -21.02 0.75
CA ARG B 227 7.37 -19.81 0.42
C ARG B 227 6.73 -19.19 1.67
N ALA B 228 6.37 -20.07 2.62
CA ALA B 228 5.79 -19.66 3.88
C ALA B 228 6.84 -18.94 4.73
N LEU B 229 8.07 -19.48 4.71
CA LEU B 229 9.18 -18.97 5.51
C LEU B 229 9.67 -17.64 4.95
N TYR B 230 9.61 -17.49 3.62
CA TYR B 230 10.10 -16.31 2.91
C TYR B 230 9.10 -15.15 3.02
N THR B 231 7.86 -15.46 3.42
CA THR B 231 6.85 -14.45 3.68
C THR B 231 7.10 -13.82 5.05
N ARG B 232 7.61 -14.63 5.99
CA ARG B 232 7.88 -14.22 7.36
C ARG B 232 9.21 -13.48 7.44
N HIS B 233 10.30 -14.18 7.07
CA HIS B 233 11.65 -13.65 7.20
C HIS B 233 12.18 -13.23 5.82
N LEU B 234 12.51 -11.94 5.71
CA LEU B 234 12.63 -11.24 4.44
C LEU B 234 14.02 -11.44 3.82
N LEU B 235 15.03 -11.70 4.67
CA LEU B 235 16.41 -11.84 4.23
C LEU B 235 16.84 -13.30 4.33
N ARG B 236 17.81 -13.66 3.46
CA ARG B 236 18.44 -14.98 3.43
C ARG B 236 19.85 -14.83 2.86
N LEU B 237 20.79 -15.61 3.40
CA LEU B 237 22.21 -15.47 3.08
C LEU B 237 22.86 -16.84 3.04
N THR B 238 23.60 -17.10 1.95
CA THR B 238 24.45 -18.28 1.82
C THR B 238 25.81 -17.84 1.30
N ALA B 239 26.83 -17.95 2.16
CA ALA B 239 28.15 -17.40 1.90
C ALA B 239 28.98 -18.37 1.04
N ASP B 240 28.78 -19.68 1.26
CA ASP B 240 29.46 -20.72 0.51
C ASP B 240 28.51 -21.89 0.26
N THR B 241 28.74 -22.59 -0.86
CA THR B 241 27.86 -23.66 -1.32
C THR B 241 28.53 -25.02 -1.14
N ARG B 242 29.85 -25.00 -0.90
CA ARG B 242 30.66 -26.21 -0.84
C ARG B 242 31.17 -26.43 0.59
N ALA B 243 30.76 -25.55 1.51
CA ALA B 243 31.16 -25.59 2.90
C ALA B 243 30.28 -26.59 3.67
N ALA B 244 30.87 -27.21 4.71
CA ALA B 244 30.20 -28.21 5.51
C ALA B 244 29.53 -27.58 6.73
N ALA B 245 28.36 -28.12 7.10
CA ALA B 245 27.52 -27.59 8.16
C ALA B 245 28.08 -27.97 9.53
N VAL B 246 27.98 -27.03 10.49
CA VAL B 246 28.49 -27.22 11.84
C VAL B 246 27.31 -27.53 12.76
N PRO B 247 27.26 -28.74 13.38
CA PRO B 247 26.15 -29.13 14.26
C PRO B 247 26.14 -28.40 15.60
N LEU B 248 25.02 -28.54 16.31
CA LEU B 248 24.84 -27.94 17.64
C LEU B 248 24.93 -29.03 18.70
N ASP B 249 25.38 -28.64 19.90
CA ASP B 249 25.63 -29.52 21.02
C ASP B 249 24.94 -29.00 22.28
N PRO B 250 23.93 -29.71 22.83
CA PRO B 250 23.30 -30.86 22.17
C PRO B 250 22.26 -30.40 21.15
N VAL B 251 21.91 -31.32 20.24
CA VAL B 251 21.07 -31.04 19.08
C VAL B 251 19.66 -30.65 19.51
N LEU B 252 19.13 -31.37 20.52
CA LEU B 252 17.74 -31.21 20.95
C LEU B 252 17.68 -30.27 22.14
N ASN B 253 16.75 -29.31 22.06
CA ASN B 253 16.50 -28.32 23.10
C ASN B 253 15.84 -29.00 24.30
N PRO B 254 16.52 -29.08 25.47
CA PRO B 254 16.03 -29.86 26.61
C PRO B 254 14.75 -29.31 27.24
N GLN B 255 14.42 -28.06 26.90
CA GLN B 255 13.21 -27.37 27.35
C GLN B 255 11.98 -28.16 26.92
N THR B 256 11.99 -28.64 25.66
CA THR B 256 10.83 -29.28 25.05
C THR B 256 11.19 -30.71 24.63
N ASN B 257 12.48 -31.03 24.64
CA ASN B 257 13.05 -32.26 24.10
C ASN B 257 12.68 -32.39 22.62
N ALA B 258 12.77 -31.26 21.91
CA ALA B 258 12.35 -31.13 20.53
C ALA B 258 13.41 -30.36 19.75
N PRO B 259 13.56 -30.58 18.41
CA PRO B 259 14.55 -29.84 17.61
C PRO B 259 14.25 -28.35 17.53
N THR B 260 15.33 -27.56 17.51
CA THR B 260 15.26 -26.11 17.62
C THR B 260 14.84 -25.50 16.28
N PRO B 261 13.72 -24.74 16.23
CA PRO B 261 13.34 -24.02 15.02
C PRO B 261 14.17 -22.76 14.80
N LEU B 262 14.92 -22.73 13.69
CA LEU B 262 15.87 -21.67 13.41
C LEU B 262 15.49 -20.92 12.13
N GLY B 263 14.19 -20.66 11.96
CA GLY B 263 13.66 -19.95 10.81
C GLY B 263 14.07 -18.48 10.77
N GLY B 264 14.16 -17.87 11.96
CA GLY B 264 14.49 -16.47 12.11
C GLY B 264 15.99 -16.21 12.15
N ALA B 265 16.78 -17.30 12.05
CA ALA B 265 18.23 -17.24 12.11
C ALA B 265 18.81 -17.09 10.71
N VAL B 266 19.83 -16.22 10.58
CA VAL B 266 20.48 -15.94 9.31
C VAL B 266 21.55 -16.99 9.03
N LEU B 267 22.05 -17.65 10.10
CA LEU B 267 23.13 -18.62 10.01
C LEU B 267 22.58 -20.03 9.82
N ARG B 268 21.32 -20.12 9.35
CA ARG B 268 20.66 -21.38 9.07
C ARG B 268 21.36 -22.06 7.89
N ALA B 269 21.65 -23.35 8.05
CA ALA B 269 22.23 -24.16 7.00
C ALA B 269 21.17 -24.44 5.95
N THR B 270 21.53 -24.19 4.68
CA THR B 270 20.63 -24.34 3.55
C THR B 270 20.57 -25.81 3.14
N SER B 271 19.52 -26.16 2.39
CA SER B 271 19.18 -27.53 2.00
C SER B 271 20.34 -28.15 1.20
N PRO B 272 20.61 -29.47 1.35
CA PRO B 272 21.65 -30.15 0.57
C PRO B 272 21.27 -30.44 -0.89
N MET B 273 20.09 -29.96 -1.30
CA MET B 273 19.60 -30.11 -2.66
C MET B 273 19.70 -28.79 -3.42
N HIS B 274 19.46 -27.68 -2.72
CA HIS B 274 19.53 -26.34 -3.27
C HIS B 274 20.98 -25.94 -3.51
N MET B 275 21.88 -26.48 -2.68
CA MET B 275 23.32 -26.27 -2.80
C MET B 275 23.84 -26.98 -4.05
N GLN B 276 23.42 -28.24 -4.23
CA GLN B 276 23.78 -29.09 -5.35
C GLN B 276 23.36 -28.42 -6.66
N TYR B 277 22.19 -27.76 -6.63
CA TYR B 277 21.62 -27.04 -7.75
C TYR B 277 22.54 -25.89 -8.16
N LEU B 278 23.08 -25.17 -7.17
CA LEU B 278 23.92 -24.01 -7.40
C LEU B 278 25.37 -24.46 -7.71
N ARG B 279 25.69 -25.71 -7.37
CA ARG B 279 27.01 -26.29 -7.61
C ARG B 279 27.19 -26.65 -9.07
N ASN B 280 26.09 -27.09 -9.71
CA ASN B 280 26.08 -27.52 -11.10
C ASN B 280 26.27 -26.33 -12.02
N MET B 281 25.71 -25.19 -11.63
CA MET B 281 25.92 -23.91 -12.32
C MET B 281 27.28 -23.35 -11.95
N GLY B 282 27.71 -23.59 -10.70
CA GLY B 282 28.99 -23.11 -10.18
C GLY B 282 28.86 -21.72 -9.55
N VAL B 283 27.93 -21.60 -8.59
CA VAL B 283 27.61 -20.36 -7.91
C VAL B 283 28.06 -20.47 -6.46
N GLY B 284 28.76 -19.44 -5.98
CA GLY B 284 29.31 -19.38 -4.64
C GLY B 284 28.35 -18.75 -3.64
N SER B 285 28.16 -17.44 -3.75
CA SER B 285 27.33 -16.66 -2.85
C SER B 285 25.91 -16.54 -3.41
N SER B 286 24.92 -16.57 -2.49
CA SER B 286 23.52 -16.31 -2.82
C SER B 286 22.89 -15.49 -1.70
N LEU B 287 22.32 -14.33 -2.07
CA LEU B 287 21.56 -13.46 -1.20
C LEU B 287 20.22 -13.15 -1.85
N SER B 288 19.13 -13.40 -1.12
CA SER B 288 17.79 -13.10 -1.61
C SER B 288 17.07 -12.19 -0.62
N VAL B 289 16.34 -11.19 -1.15
CA VAL B 289 15.52 -10.28 -0.37
C VAL B 289 14.08 -10.39 -0.90
N SER B 290 13.17 -10.85 -0.03
CA SER B 290 11.81 -11.13 -0.45
C SER B 290 10.96 -9.87 -0.45
N VAL B 291 10.08 -9.78 -1.45
CA VAL B 291 9.11 -8.70 -1.60
C VAL B 291 7.74 -9.24 -1.23
N VAL B 292 7.15 -8.66 -0.17
CA VAL B 292 5.84 -9.06 0.32
C VAL B 292 4.88 -7.88 0.18
N VAL B 293 3.84 -8.09 -0.63
CA VAL B 293 2.81 -7.10 -0.90
C VAL B 293 1.47 -7.65 -0.44
N GLY B 294 0.85 -6.93 0.50
CA GLY B 294 -0.47 -7.23 1.03
C GLY B 294 -0.57 -8.61 1.69
N GLY B 295 0.57 -9.09 2.21
CA GLY B 295 0.66 -10.40 2.83
C GLY B 295 0.84 -11.52 1.81
N GLN B 296 1.26 -11.16 0.60
CA GLN B 296 1.52 -12.09 -0.48
C GLN B 296 2.92 -11.85 -1.03
N LEU B 297 3.66 -12.95 -1.27
CA LEU B 297 5.00 -12.93 -1.82
C LEU B 297 4.95 -12.47 -3.27
N TRP B 298 5.23 -11.18 -3.47
CA TRP B 298 5.17 -10.53 -4.77
C TRP B 298 6.31 -11.01 -5.66
N GLY B 299 7.55 -10.79 -5.19
CA GLY B 299 8.76 -11.11 -5.92
C GLY B 299 9.94 -11.34 -4.98
N LEU B 300 11.12 -11.54 -5.58
CA LEU B 300 12.31 -11.96 -4.85
C LEU B 300 13.56 -11.57 -5.65
N ILE B 301 14.33 -10.62 -5.09
CA ILE B 301 15.66 -10.26 -5.58
C ILE B 301 16.59 -11.43 -5.29
N ALA B 302 17.42 -11.80 -6.28
CA ALA B 302 18.41 -12.84 -6.09
C ALA B 302 19.77 -12.35 -6.58
N CYS B 303 20.76 -12.37 -5.68
CA CYS B 303 22.10 -11.89 -5.96
C CYS B 303 23.09 -13.04 -5.86
N HIS B 304 23.56 -13.51 -7.03
CA HIS B 304 24.46 -14.67 -7.13
C HIS B 304 25.87 -14.20 -7.42
N HIS B 305 26.85 -15.01 -7.02
CA HIS B 305 28.26 -14.69 -7.19
C HIS B 305 29.05 -15.96 -7.50
N GLN B 306 30.13 -15.80 -8.28
CA GLN B 306 30.93 -16.92 -8.76
C GLN B 306 31.87 -17.42 -7.66
N THR B 307 32.46 -16.46 -6.93
CA THR B 307 33.46 -16.76 -5.90
C THR B 307 32.81 -16.69 -4.52
N PRO B 308 33.21 -17.57 -3.56
CA PRO B 308 32.74 -17.48 -2.17
C PRO B 308 32.94 -16.08 -1.60
N TYR B 309 31.86 -15.53 -1.03
CA TYR B 309 31.81 -14.14 -0.60
C TYR B 309 31.00 -14.02 0.69
N VAL B 310 31.51 -13.21 1.62
CA VAL B 310 30.88 -12.90 2.88
C VAL B 310 30.71 -11.39 2.98
N LEU B 311 29.46 -10.94 3.09
CA LEU B 311 29.12 -9.53 3.13
C LEU B 311 29.17 -9.03 4.58
N PRO B 312 29.68 -7.79 4.82
CA PRO B 312 29.56 -7.14 6.13
C PRO B 312 28.10 -6.93 6.56
N PRO B 313 27.78 -7.07 7.87
CA PRO B 313 26.40 -6.93 8.36
C PRO B 313 25.85 -5.50 8.39
N ASP B 314 26.71 -4.54 8.02
CA ASP B 314 26.34 -3.13 8.01
C ASP B 314 25.65 -2.77 6.69
N LEU B 315 25.93 -3.56 5.63
CA LEU B 315 25.40 -3.32 4.30
C LEU B 315 24.13 -4.14 4.08
N ARG B 316 23.97 -5.22 4.85
CA ARG B 316 22.79 -6.07 4.82
C ARG B 316 21.57 -5.26 5.27
N THR B 317 21.79 -4.36 6.23
CA THR B 317 20.76 -3.53 6.82
C THR B 317 20.24 -2.52 5.78
N THR B 318 21.15 -2.09 4.90
CA THR B 318 20.83 -1.17 3.81
C THR B 318 19.90 -1.86 2.80
N LEU B 319 20.21 -3.14 2.50
CA LEU B 319 19.42 -3.98 1.61
C LEU B 319 18.04 -4.24 2.21
N GLU B 320 18.02 -4.52 3.53
CA GLU B 320 16.80 -4.70 4.29
C GLU B 320 15.90 -3.49 4.14
N TYR B 321 16.50 -2.30 4.13
CA TYR B 321 15.75 -1.07 3.98
C TYR B 321 15.20 -0.94 2.56
N LEU B 322 15.99 -1.39 1.58
CA LEU B 322 15.62 -1.29 0.17
C LEU B 322 14.44 -2.21 -0.13
N GLY B 323 14.40 -3.36 0.56
CA GLY B 323 13.30 -4.30 0.50
C GLY B 323 11.97 -3.66 0.92
N ARG B 324 12.02 -2.82 1.96
CA ARG B 324 10.88 -2.08 2.47
C ARG B 324 10.42 -1.06 1.44
N LEU B 325 11.39 -0.42 0.76
CA LEU B 325 11.12 0.68 -0.16
C LEU B 325 10.57 0.15 -1.49
N LEU B 326 10.91 -1.11 -1.81
CA LEU B 326 10.55 -1.71 -3.08
C LEU B 326 9.19 -2.41 -2.98
N SER B 327 8.81 -2.80 -1.75
CA SER B 327 7.48 -3.33 -1.48
C SER B 327 6.44 -2.21 -1.53
N LEU B 328 6.88 -0.99 -1.21
CA LEU B 328 6.01 0.17 -1.17
C LEU B 328 5.72 0.66 -2.59
N GLN B 329 6.78 0.90 -3.37
CA GLN B 329 6.69 1.65 -4.62
C GLN B 329 6.07 0.81 -5.74
N VAL B 330 6.12 -0.51 -5.59
CA VAL B 330 5.51 -1.44 -6.54
C VAL B 330 3.99 -1.26 -6.54
N GLN B 331 3.43 -1.02 -5.34
CA GLN B 331 2.01 -0.78 -5.14
C GLN B 331 1.58 0.55 -5.75
N VAL B 332 2.57 1.40 -6.08
CA VAL B 332 2.32 2.72 -6.64
C VAL B 332 2.41 2.66 -8.16
N LYS B 333 3.41 1.92 -8.66
CA LYS B 333 3.74 1.90 -10.08
C LYS B 333 2.74 1.06 -10.86
N GLU B 334 2.32 -0.07 -10.27
CA GLU B 334 1.35 -0.96 -10.88
C GLU B 334 -0.06 -0.35 -10.85
N ALA B 335 -0.26 0.60 -9.94
CA ALA B 335 -1.49 1.37 -9.83
C ALA B 335 -1.55 2.43 -10.92
N ALA B 336 -0.37 2.84 -11.42
CA ALA B 336 -0.24 3.87 -12.43
C ALA B 336 -0.23 3.24 -13.83
N ASP B 337 0.07 1.94 -13.90
CA ASP B 337 0.17 1.19 -15.15
C ASP B 337 -1.22 0.98 -15.76
N VAL B 338 -2.22 0.82 -14.89
CA VAL B 338 -3.57 0.50 -15.30
C VAL B 338 -4.38 1.78 -15.50
N ALA B 339 -4.10 2.78 -14.64
CA ALA B 339 -4.82 4.05 -14.62
C ALA B 339 -4.53 4.88 -15.87
N ALA B 340 -3.35 4.66 -16.46
CA ALA B 340 -2.92 5.34 -17.68
C ALA B 340 -3.51 4.64 -18.90
N PHE B 341 -3.58 3.30 -18.85
CA PHE B 341 -4.05 2.46 -19.94
C PHE B 341 -5.56 2.65 -20.14
N ARG B 342 -6.29 2.77 -19.02
CA ARG B 342 -7.73 2.91 -19.00
C ARG B 342 -8.11 4.29 -19.53
N GLN B 343 -7.24 5.29 -19.33
CA GLN B 343 -7.46 6.69 -19.66
C GLN B 343 -7.63 6.87 -21.17
N SER B 344 -6.86 6.09 -21.94
CA SER B 344 -6.87 6.15 -23.40
C SER B 344 -8.17 5.57 -23.97
N LEU B 345 -8.63 4.47 -23.36
CA LEU B 345 -9.77 3.70 -23.87
C LEU B 345 -11.07 4.17 -23.23
N ARG B 346 -10.99 5.19 -22.36
CA ARG B 346 -12.11 5.65 -21.55
C ARG B 346 -13.15 6.36 -22.41
N GLU B 347 -12.70 6.95 -23.52
CA GLU B 347 -13.56 7.64 -24.47
C GLU B 347 -14.46 6.63 -25.19
N HIS B 348 -13.91 5.43 -25.42
CA HIS B 348 -14.61 4.32 -26.04
C HIS B 348 -15.45 3.58 -25.00
N HIS B 349 -15.02 3.64 -23.74
CA HIS B 349 -15.61 2.92 -22.63
C HIS B 349 -16.91 3.60 -22.17
N ALA B 350 -16.93 4.94 -22.24
CA ALA B 350 -18.02 5.76 -21.72
C ALA B 350 -19.26 5.64 -22.60
N ARG B 351 -19.06 5.31 -23.88
CA ARG B 351 -20.15 5.16 -24.84
C ARG B 351 -20.87 3.84 -24.62
N VAL B 352 -20.13 2.82 -24.15
CA VAL B 352 -20.65 1.49 -23.89
C VAL B 352 -21.36 1.48 -22.54
N ALA B 353 -20.83 2.26 -21.58
CA ALA B 353 -21.29 2.27 -20.21
C ALA B 353 -22.64 2.98 -20.07
N LEU B 354 -22.81 4.09 -20.81
CA LEU B 354 -24.00 4.91 -20.73
C LEU B 354 -25.16 4.27 -21.50
N ALA B 355 -24.82 3.46 -22.50
CA ALA B 355 -25.80 2.77 -23.34
C ALA B 355 -26.30 1.50 -22.66
N ALA B 356 -25.49 0.95 -21.74
CA ALA B 356 -25.83 -0.23 -20.96
C ALA B 356 -26.45 0.17 -19.62
N ALA B 357 -26.49 1.49 -19.36
CA ALA B 357 -27.06 2.06 -18.14
C ALA B 357 -28.58 2.08 -18.22
N HIS B 358 -29.10 2.55 -19.36
CA HIS B 358 -30.54 2.60 -19.61
C HIS B 358 -30.92 1.49 -20.59
N SER B 359 -30.31 0.32 -20.42
CA SER B 359 -30.50 -0.83 -21.29
C SER B 359 -31.82 -1.53 -20.97
N LEU B 360 -32.87 -1.12 -21.68
CA LEU B 360 -34.17 -1.77 -21.62
C LEU B 360 -34.16 -3.00 -22.52
N SER B 361 -33.31 -2.96 -23.56
CA SER B 361 -33.05 -4.09 -24.44
C SER B 361 -31.57 -4.45 -24.39
N PRO B 362 -31.20 -5.66 -23.93
CA PRO B 362 -29.80 -6.09 -23.88
C PRO B 362 -29.23 -6.47 -25.24
N HIS B 363 -30.12 -6.81 -26.18
CA HIS B 363 -29.74 -7.29 -27.50
C HIS B 363 -29.60 -6.13 -28.49
N ASP B 364 -30.50 -5.14 -28.38
CA ASP B 364 -30.65 -4.10 -29.39
C ASP B 364 -29.57 -3.02 -29.25
N THR B 365 -29.06 -2.82 -28.03
CA THR B 365 -28.13 -1.74 -27.74
C THR B 365 -26.69 -2.26 -27.70
N LEU B 366 -26.51 -3.51 -27.24
CA LEU B 366 -25.19 -4.09 -27.05
C LEU B 366 -24.82 -4.98 -28.25
N SER B 367 -25.26 -4.58 -29.44
CA SER B 367 -24.91 -5.23 -30.70
C SER B 367 -24.74 -4.19 -31.81
N ASP B 368 -25.07 -2.93 -31.49
CA ASP B 368 -24.96 -1.80 -32.40
C ASP B 368 -23.47 -1.54 -32.70
N PRO B 369 -23.05 -1.58 -33.98
CA PRO B 369 -21.64 -1.37 -34.36
C PRO B 369 -21.06 0.01 -34.07
N ALA B 370 -21.92 0.95 -33.67
CA ALA B 370 -21.52 2.30 -33.31
C ALA B 370 -20.80 2.30 -31.96
N LEU B 371 -21.10 1.31 -31.13
CA LEU B 371 -20.43 1.07 -29.86
C LEU B 371 -19.14 0.28 -30.10
N ASP B 372 -19.29 -0.89 -30.74
CA ASP B 372 -18.22 -1.81 -31.11
C ASP B 372 -17.49 -2.32 -29.86
N LEU B 373 -17.89 -3.51 -29.41
CA LEU B 373 -17.35 -4.08 -28.18
C LEU B 373 -16.11 -4.93 -28.46
N LEU B 374 -15.83 -5.18 -29.74
CA LEU B 374 -14.67 -5.98 -30.15
C LEU B 374 -13.39 -5.17 -29.99
N GLY B 375 -13.43 -3.89 -30.40
CA GLY B 375 -12.27 -3.02 -30.46
C GLY B 375 -11.79 -2.56 -29.08
N LEU B 376 -12.71 -2.53 -28.11
CA LEU B 376 -12.44 -2.11 -26.74
C LEU B 376 -11.51 -3.10 -26.06
N MET B 377 -11.78 -4.40 -26.27
CA MET B 377 -11.09 -5.47 -25.57
C MET B 377 -10.05 -6.13 -26.48
N ARG B 378 -9.99 -5.69 -27.74
CA ARG B 378 -9.06 -6.16 -28.76
C ARG B 378 -9.21 -7.65 -28.98
N ALA B 379 -10.42 -8.06 -29.39
CA ALA B 379 -10.79 -9.46 -29.54
C ALA B 379 -11.40 -9.69 -30.92
N GLY B 380 -11.32 -10.95 -31.39
CA GLY B 380 -11.84 -11.36 -32.68
C GLY B 380 -13.35 -11.66 -32.61
N GLY B 381 -13.77 -12.33 -31.53
CA GLY B 381 -15.14 -12.81 -31.38
C GLY B 381 -15.84 -12.25 -30.15
N LEU B 382 -17.17 -12.24 -30.20
CA LEU B 382 -18.05 -11.78 -29.14
C LEU B 382 -19.32 -12.63 -29.15
N ILE B 383 -19.70 -13.10 -27.95
CA ILE B 383 -20.93 -13.87 -27.75
C ILE B 383 -21.85 -13.06 -26.84
N LEU B 384 -23.12 -12.96 -27.24
CA LEU B 384 -24.14 -12.24 -26.49
C LEU B 384 -25.32 -13.17 -26.23
N ARG B 385 -25.37 -13.71 -25.01
CA ARG B 385 -26.41 -14.63 -24.56
C ARG B 385 -27.26 -13.94 -23.51
N PHE B 386 -28.52 -13.67 -23.87
CA PHE B 386 -29.49 -13.03 -23.01
C PHE B 386 -30.87 -13.61 -23.28
N GLU B 387 -31.66 -13.79 -22.21
CA GLU B 387 -33.07 -14.15 -22.23
C GLU B 387 -33.30 -15.58 -22.73
N GLY B 388 -32.25 -16.18 -23.33
CA GLY B 388 -32.32 -17.53 -23.88
C GLY B 388 -31.66 -17.63 -25.24
N ARG B 389 -31.87 -16.61 -26.09
CA ARG B 389 -31.32 -16.54 -27.43
C ARG B 389 -29.86 -16.11 -27.38
N TRP B 390 -29.01 -16.86 -28.09
CA TRP B 390 -27.59 -16.54 -28.20
C TRP B 390 -27.31 -15.84 -29.53
N GLN B 391 -26.67 -14.67 -29.44
CA GLN B 391 -26.36 -13.83 -30.58
C GLN B 391 -24.83 -13.71 -30.70
N THR B 392 -24.34 -13.84 -31.93
CA THR B 392 -22.90 -13.80 -32.20
C THR B 392 -22.55 -12.53 -33.00
N LEU B 393 -21.36 -11.99 -32.72
CA LEU B 393 -20.83 -10.82 -33.40
C LEU B 393 -19.36 -11.07 -33.72
N GLY B 394 -19.01 -10.93 -35.01
CA GLY B 394 -17.65 -11.16 -35.49
C GLY B 394 -17.39 -12.64 -35.75
N GLU B 395 -16.10 -12.99 -35.85
CA GLU B 395 -15.65 -14.34 -36.15
C GLU B 395 -15.83 -15.22 -34.91
N VAL B 396 -16.66 -16.26 -35.05
CA VAL B 396 -17.12 -17.10 -33.94
C VAL B 396 -17.02 -18.57 -34.35
N PRO B 397 -16.81 -19.51 -33.38
CA PRO B 397 -16.84 -20.95 -33.66
C PRO B 397 -18.22 -21.45 -34.13
N PRO B 398 -18.31 -22.65 -34.76
CA PRO B 398 -19.61 -23.25 -35.11
C PRO B 398 -20.59 -23.40 -33.95
N ALA B 399 -21.88 -23.54 -34.31
CA ALA B 399 -23.01 -23.49 -33.38
C ALA B 399 -22.99 -24.64 -32.37
N PRO B 400 -22.72 -25.92 -32.74
CA PRO B 400 -22.61 -27.01 -31.76
C PRO B 400 -21.49 -26.83 -30.74
N ALA B 401 -20.46 -26.07 -31.13
CA ALA B 401 -19.31 -25.79 -30.27
C ALA B 401 -19.62 -24.62 -29.34
N VAL B 402 -20.51 -23.72 -29.79
CA VAL B 402 -20.95 -22.55 -29.03
C VAL B 402 -21.74 -23.04 -27.80
N ASP B 403 -22.63 -24.02 -28.03
CA ASP B 403 -23.51 -24.55 -27.00
C ASP B 403 -22.73 -25.44 -26.03
N ALA B 404 -21.54 -25.89 -26.46
CA ALA B 404 -20.62 -26.64 -25.62
C ALA B 404 -19.80 -25.69 -24.74
N LEU B 405 -19.53 -24.49 -25.28
CA LEU B 405 -18.72 -23.49 -24.62
C LEU B 405 -19.51 -22.82 -23.49
N LEU B 406 -20.82 -22.61 -23.73
CA LEU B 406 -21.71 -21.98 -22.78
C LEU B 406 -22.08 -22.97 -21.67
N ALA B 407 -21.94 -24.26 -21.96
CA ALA B 407 -22.16 -25.33 -21.00
C ALA B 407 -20.99 -25.44 -20.02
N TRP B 408 -19.79 -25.04 -20.50
CA TRP B 408 -18.57 -25.11 -19.73
C TRP B 408 -18.50 -23.96 -18.73
N LEU B 409 -19.06 -22.80 -19.10
CA LEU B 409 -18.98 -21.58 -18.31
C LEU B 409 -19.96 -21.64 -17.13
N GLU B 410 -21.03 -22.43 -17.28
CA GLU B 410 -22.04 -22.62 -16.25
C GLU B 410 -21.48 -23.46 -15.11
N THR B 411 -20.59 -24.41 -15.44
CA THR B 411 -19.97 -25.31 -14.47
C THR B 411 -18.84 -24.59 -13.73
N GLN B 412 -18.35 -23.49 -14.30
CA GLN B 412 -17.30 -22.69 -13.71
C GLN B 412 -17.88 -21.86 -12.56
N PRO B 413 -17.33 -21.97 -11.32
CA PRO B 413 -17.91 -21.31 -10.15
C PRO B 413 -17.64 -19.81 -10.05
N GLY B 414 -16.58 -19.35 -10.72
CA GLY B 414 -16.14 -17.96 -10.66
C GLY B 414 -17.09 -17.01 -11.38
N ALA B 415 -17.03 -15.73 -11.00
CA ALA B 415 -17.82 -14.67 -11.60
C ALA B 415 -17.21 -14.27 -12.94
N LEU B 416 -15.87 -14.20 -12.99
CA LEU B 416 -15.12 -13.89 -14.19
C LEU B 416 -14.17 -15.04 -14.50
N VAL B 417 -14.13 -15.42 -15.79
CA VAL B 417 -13.21 -16.42 -16.30
C VAL B 417 -12.20 -15.73 -17.21
N GLN B 418 -10.93 -15.76 -16.79
CA GLN B 418 -9.84 -15.12 -17.52
C GLN B 418 -8.81 -16.20 -17.90
N THR B 419 -8.66 -16.40 -19.22
CA THR B 419 -7.71 -17.34 -19.78
C THR B 419 -7.24 -16.86 -21.15
N ASP B 420 -5.94 -17.04 -21.42
CA ASP B 420 -5.34 -16.76 -22.71
C ASP B 420 -5.13 -18.05 -23.49
N ALA B 421 -5.32 -19.18 -22.80
CA ALA B 421 -5.27 -20.51 -23.40
C ALA B 421 -6.42 -21.35 -22.87
N LEU B 422 -7.42 -21.57 -23.74
CA LEU B 422 -8.63 -22.31 -23.41
C LEU B 422 -8.37 -23.81 -23.47
N GLY B 423 -7.34 -24.21 -24.23
CA GLY B 423 -6.94 -25.59 -24.38
C GLY B 423 -6.37 -26.19 -23.10
N GLN B 424 -5.90 -25.32 -22.20
CA GLN B 424 -5.35 -25.70 -20.91
C GLN B 424 -6.48 -26.02 -19.93
N LEU B 425 -7.46 -25.11 -19.86
CA LEU B 425 -8.56 -25.19 -18.91
C LEU B 425 -9.59 -26.21 -19.37
N TRP B 426 -10.00 -26.11 -20.64
CA TRP B 426 -11.01 -26.99 -21.22
C TRP B 426 -10.35 -27.90 -22.26
N PRO B 427 -10.19 -29.22 -21.98
CA PRO B 427 -9.49 -30.13 -22.88
C PRO B 427 -10.25 -30.53 -24.14
N ALA B 428 -11.59 -30.48 -24.06
CA ALA B 428 -12.46 -30.82 -25.18
C ALA B 428 -12.50 -29.68 -26.19
N GLY B 429 -12.30 -28.44 -25.70
CA GLY B 429 -12.30 -27.25 -26.53
C GLY B 429 -10.88 -26.71 -26.76
N ALA B 430 -10.05 -27.54 -27.41
CA ALA B 430 -8.68 -27.20 -27.75
C ALA B 430 -8.53 -27.08 -29.28
N ASP B 431 -9.48 -27.72 -30.00
CA ASP B 431 -9.50 -27.74 -31.45
C ASP B 431 -10.22 -26.50 -31.98
N LEU B 432 -10.86 -25.75 -31.08
CA LEU B 432 -11.65 -24.57 -31.41
C LEU B 432 -10.85 -23.30 -31.09
N ALA B 433 -9.52 -23.44 -31.16
CA ALA B 433 -8.58 -22.36 -30.87
C ALA B 433 -8.51 -21.33 -32.00
N PRO B 434 -8.55 -21.72 -33.31
CA PRO B 434 -8.48 -20.75 -34.42
C PRO B 434 -9.39 -19.52 -34.33
N SER B 435 -10.49 -19.65 -33.58
CA SER B 435 -11.44 -18.57 -33.38
C SER B 435 -11.52 -18.18 -31.90
N ALA B 436 -11.37 -19.16 -31.02
CA ALA B 436 -11.48 -18.97 -29.58
C ALA B 436 -10.29 -19.61 -28.86
N ALA B 437 -9.23 -18.82 -28.69
CA ALA B 437 -8.03 -19.24 -27.98
C ALA B 437 -7.98 -18.56 -26.60
N GLY B 438 -8.10 -17.23 -26.59
CA GLY B 438 -8.21 -16.44 -25.38
C GLY B 438 -9.66 -16.09 -25.07
N LEU B 439 -10.04 -16.22 -23.79
CA LEU B 439 -11.42 -16.05 -23.38
C LEU B 439 -11.52 -15.11 -22.18
N LEU B 440 -12.52 -14.22 -22.24
CA LEU B 440 -12.89 -13.34 -21.15
C LEU B 440 -14.42 -13.36 -21.03
N ALA B 441 -14.92 -13.95 -19.94
CA ALA B 441 -16.34 -14.14 -19.72
C ALA B 441 -16.79 -13.50 -18.41
N ILE B 442 -17.90 -12.76 -18.49
CA ILE B 442 -18.52 -12.09 -17.36
C ILE B 442 -19.97 -12.57 -17.27
N SER B 443 -20.43 -12.86 -16.05
CA SER B 443 -21.81 -13.21 -15.79
C SER B 443 -22.52 -12.05 -15.09
N VAL B 444 -23.36 -11.34 -15.85
CA VAL B 444 -24.22 -10.30 -15.29
C VAL B 444 -25.35 -10.99 -14.51
N GLY B 445 -25.44 -10.67 -13.22
CA GLY B 445 -26.24 -11.43 -12.27
C GLY B 445 -25.44 -12.57 -11.68
N GLU B 446 -26.01 -13.79 -11.75
CA GLU B 446 -25.39 -15.00 -11.26
C GLU B 446 -26.04 -16.22 -11.92
N GLY B 447 -25.23 -17.26 -12.16
CA GLY B 447 -25.71 -18.54 -12.65
C GLY B 447 -25.35 -18.79 -14.11
N TRP B 448 -24.78 -17.76 -14.77
CA TRP B 448 -24.36 -17.77 -16.16
C TRP B 448 -25.57 -17.90 -17.10
N SER B 449 -26.67 -17.25 -16.72
CA SER B 449 -27.89 -17.20 -17.53
C SER B 449 -27.74 -16.12 -18.59
N GLU B 450 -27.32 -14.92 -18.17
CA GLU B 450 -26.98 -13.83 -19.05
C GLU B 450 -25.48 -13.58 -18.95
N CYS B 451 -24.77 -13.74 -20.07
CA CYS B 451 -23.32 -13.65 -20.10
C CYS B 451 -22.82 -13.06 -21.41
N LEU B 452 -21.68 -12.35 -21.32
CA LEU B 452 -20.91 -11.88 -22.45
C LEU B 452 -19.59 -12.63 -22.50
N VAL B 453 -19.18 -13.06 -23.69
CA VAL B 453 -17.95 -13.81 -23.88
C VAL B 453 -17.11 -13.11 -24.95
N TRP B 454 -15.83 -12.86 -24.62
CA TRP B 454 -14.86 -12.30 -25.54
C TRP B 454 -13.89 -13.39 -26.01
N LEU B 455 -13.61 -13.38 -27.33
CA LEU B 455 -12.79 -14.40 -27.95
C LEU B 455 -11.67 -13.73 -28.75
N ARG B 456 -10.42 -14.10 -28.43
CA ARG B 456 -9.24 -13.60 -29.12
C ARG B 456 -8.72 -14.67 -30.08
N PRO B 457 -8.19 -14.29 -31.27
CA PRO B 457 -7.68 -15.26 -32.25
C PRO B 457 -6.42 -16.01 -31.80
N GLU B 458 -6.13 -17.13 -32.48
CA GLU B 458 -5.06 -18.05 -32.13
C GLU B 458 -3.71 -17.48 -32.56
N LEU B 459 -2.73 -17.57 -31.65
CA LEU B 459 -1.35 -17.21 -31.89
C LEU B 459 -0.43 -18.22 -31.19
N ARG B 460 0.60 -18.66 -31.91
CA ARG B 460 1.64 -19.51 -31.36
C ARG B 460 2.71 -18.64 -30.68
N LEU B 461 3.07 -19.01 -29.45
CA LEU B 461 4.24 -18.46 -28.76
C LEU B 461 5.07 -19.61 -28.20
N GLU B 462 6.38 -19.56 -28.45
CA GLU B 462 7.33 -20.55 -27.97
C GLU B 462 8.49 -19.86 -27.25
N VAL B 463 8.74 -20.30 -26.02
CA VAL B 463 9.87 -19.84 -25.22
C VAL B 463 11.08 -20.73 -25.53
N ALA B 464 12.25 -20.10 -25.67
CA ALA B 464 13.46 -20.76 -26.12
C ALA B 464 14.69 -20.21 -25.41
N TRP B 465 15.63 -21.12 -25.10
CA TRP B 465 16.84 -20.79 -24.37
C TRP B 465 18.05 -21.48 -25.01
N GLY B 478 21.52 -27.09 -12.28
CA GLY B 478 21.03 -27.25 -13.67
C GLY B 478 19.70 -26.53 -13.89
N PRO B 479 19.70 -25.32 -14.51
CA PRO B 479 18.46 -24.60 -14.77
C PRO B 479 17.69 -25.04 -16.02
N ARG B 480 18.35 -25.86 -16.86
CA ARG B 480 17.87 -26.19 -18.19
C ARG B 480 16.86 -27.34 -18.15
N HIS B 481 16.96 -28.19 -17.12
CA HIS B 481 16.02 -29.30 -16.94
C HIS B 481 14.74 -28.80 -16.27
N SER B 482 14.84 -27.67 -15.55
CA SER B 482 13.70 -26.97 -14.98
C SER B 482 12.97 -26.18 -16.06
N PHE B 483 13.72 -25.81 -17.11
CA PHE B 483 13.21 -25.03 -18.23
C PHE B 483 12.36 -25.89 -19.15
N ASP B 484 12.66 -27.20 -19.16
CA ASP B 484 12.02 -28.17 -20.04
C ASP B 484 10.62 -28.53 -19.53
N THR B 485 10.40 -28.37 -18.21
CA THR B 485 9.11 -28.64 -17.59
C THR B 485 8.13 -27.51 -17.92
N TYR B 486 8.67 -26.31 -18.14
CA TYR B 486 7.91 -25.14 -18.54
C TYR B 486 7.62 -25.19 -20.04
N LEU B 487 8.46 -25.92 -20.77
CA LEU B 487 8.37 -26.06 -22.22
C LEU B 487 7.21 -26.97 -22.60
N GLU B 488 6.90 -27.93 -21.73
CA GLU B 488 5.91 -28.97 -21.98
C GLU B 488 4.49 -28.44 -21.73
N GLU B 489 4.39 -27.38 -20.93
CA GLU B 489 3.11 -26.85 -20.46
C GLU B 489 2.40 -26.07 -21.55
N LYS B 490 3.18 -25.26 -22.31
CA LYS B 490 2.64 -24.35 -23.31
C LYS B 490 2.64 -25.02 -24.69
N ARG B 491 1.54 -24.84 -25.42
CA ARG B 491 1.37 -25.38 -26.76
C ARG B 491 0.72 -24.33 -27.67
N GLY B 492 -0.53 -23.96 -27.34
CA GLY B 492 -1.30 -22.99 -28.09
C GLY B 492 -1.89 -21.91 -27.18
N TYR B 493 -1.73 -20.64 -27.59
CA TYR B 493 -2.07 -19.50 -26.76
C TYR B 493 -2.77 -18.41 -27.59
N ALA B 494 -2.85 -17.22 -26.99
CA ALA B 494 -3.37 -16.02 -27.62
C ALA B 494 -2.66 -14.80 -27.04
N GLU B 495 -3.19 -13.60 -27.36
CA GLU B 495 -2.72 -12.34 -26.79
C GLU B 495 -3.12 -12.30 -25.31
N PRO B 496 -2.15 -12.15 -24.37
CA PRO B 496 -2.47 -12.08 -22.93
C PRO B 496 -3.24 -10.81 -22.57
N TRP B 497 -4.16 -10.98 -21.60
CA TRP B 497 -5.10 -9.93 -21.21
C TRP B 497 -4.40 -8.86 -20.37
N HIS B 498 -4.65 -7.60 -20.75
CA HIS B 498 -4.14 -6.44 -20.03
C HIS B 498 -5.00 -6.20 -18.79
N PRO B 499 -4.40 -5.93 -17.61
CA PRO B 499 -5.16 -5.66 -16.37
C PRO B 499 -6.03 -4.40 -16.42
N GLY B 500 -5.71 -3.49 -17.34
CA GLY B 500 -6.51 -2.30 -17.60
C GLY B 500 -7.85 -2.63 -18.28
N GLU B 501 -7.86 -3.76 -19.01
CA GLU B 501 -9.04 -4.24 -19.72
C GLU B 501 -10.00 -4.91 -18.73
N ILE B 502 -9.43 -5.64 -17.76
CA ILE B 502 -10.16 -6.39 -16.75
C ILE B 502 -10.96 -5.44 -15.86
N GLU B 503 -10.37 -4.26 -15.60
CA GLU B 503 -10.96 -3.25 -14.73
C GLU B 503 -12.11 -2.53 -15.43
N GLU B 504 -12.10 -2.52 -16.76
CA GLU B 504 -13.17 -1.93 -17.56
C GLU B 504 -14.23 -2.97 -17.89
N ALA B 505 -13.83 -4.26 -17.87
CA ALA B 505 -14.72 -5.38 -18.12
C ALA B 505 -15.66 -5.58 -16.93
N GLN B 506 -15.13 -5.34 -15.72
CA GLN B 506 -15.86 -5.53 -14.47
C GLN B 506 -16.60 -4.25 -14.08
N ASP B 507 -16.34 -3.16 -14.81
CA ASP B 507 -17.05 -1.90 -14.62
C ASP B 507 -18.31 -1.88 -15.48
N LEU B 508 -18.35 -2.76 -16.49
CA LEU B 508 -19.55 -2.96 -17.30
C LEU B 508 -20.52 -3.91 -16.58
N ARG B 509 -19.97 -4.76 -15.70
CA ARG B 509 -20.75 -5.69 -14.88
C ARG B 509 -21.60 -4.91 -13.87
N ASP B 510 -21.03 -3.82 -13.33
CA ASP B 510 -21.62 -3.07 -12.23
C ASP B 510 -22.74 -2.15 -12.72
N THR B 511 -22.75 -1.85 -14.04
CA THR B 511 -23.73 -0.94 -14.61
C THR B 511 -24.83 -1.71 -15.34
N LEU B 512 -24.55 -2.97 -15.70
CA LEU B 512 -25.53 -3.85 -16.33
C LEU B 512 -26.41 -4.51 -15.27
N THR B 513 -25.81 -4.92 -14.15
CA THR B 513 -26.51 -5.57 -13.05
C THR B 513 -27.36 -4.55 -12.29
N GLY B 514 -26.93 -3.28 -12.34
CA GLY B 514 -27.69 -2.16 -11.80
C GLY B 514 -28.94 -1.87 -12.62
N ALA B 515 -28.93 -2.31 -13.90
CA ALA B 515 -30.03 -2.16 -14.82
C ALA B 515 -30.92 -3.40 -14.81
N LEU B 516 -30.42 -4.49 -14.22
CA LEU B 516 -31.16 -5.73 -14.03
C LEU B 516 -32.27 -5.52 -12.99
N GLY B 517 -32.17 -4.42 -12.24
CA GLY B 517 -33.13 -4.06 -11.21
C GLY B 517 -34.18 -3.08 -11.71
N GLU B 518 -33.80 -2.20 -12.64
CA GLU B 518 -34.67 -1.19 -13.21
C GLU B 518 -35.61 -1.83 -14.22
N ARG B 519 -35.12 -2.87 -14.91
CA ARG B 519 -35.89 -3.64 -15.88
C ARG B 519 -37.00 -4.42 -15.17
N LEU B 520 -36.72 -4.86 -13.94
CA LEU B 520 -37.59 -5.70 -13.13
C LEU B 520 -38.89 -4.97 -12.77
N SER B 521 -38.77 -3.66 -12.52
CA SER B 521 -39.84 -2.83 -11.99
C SER B 521 -40.99 -2.72 -12.99
N VAL B 522 -40.66 -2.41 -14.26
CA VAL B 522 -41.63 -2.03 -15.27
C VAL B 522 -42.35 -3.27 -15.80
N ILE B 523 -41.66 -4.43 -15.73
CA ILE B 523 -42.23 -5.70 -16.19
C ILE B 523 -43.42 -6.07 -15.32
N ARG B 524 -43.27 -5.90 -14.00
CA ARG B 524 -44.33 -6.14 -13.03
C ARG B 524 -45.47 -5.14 -13.21
N ASP B 525 -45.11 -3.89 -13.55
CA ASP B 525 -46.05 -2.80 -13.78
C ASP B 525 -46.97 -3.12 -14.96
N LEU B 526 -46.39 -3.78 -15.98
CA LEU B 526 -47.12 -4.20 -17.18
C LEU B 526 -48.09 -5.32 -16.83
N ASN B 527 -47.74 -6.13 -15.82
CA ASN B 527 -48.58 -7.21 -15.36
C ASN B 527 -49.71 -6.66 -14.50
N ARG B 528 -49.40 -5.61 -13.72
CA ARG B 528 -50.32 -5.02 -12.76
C ARG B 528 -51.39 -4.20 -13.47
N ALA B 529 -51.01 -3.56 -14.58
CA ALA B 529 -51.94 -2.78 -15.39
C ALA B 529 -52.85 -3.70 -16.20
N LEU B 530 -52.31 -4.87 -16.59
CA LEU B 530 -53.01 -5.87 -17.36
C LEU B 530 -54.15 -6.46 -16.54
N THR B 531 -53.88 -6.72 -15.25
CA THR B 531 -54.84 -7.31 -14.33
C THR B 531 -55.98 -6.33 -14.04
N GLN B 532 -55.64 -5.03 -14.04
CA GLN B 532 -56.59 -3.95 -13.82
C GLN B 532 -57.57 -3.89 -14.99
N SER B 533 -57.05 -4.12 -16.21
CA SER B 533 -57.85 -4.14 -17.43
C SER B 533 -58.64 -5.43 -17.54
N ASN B 534 -58.11 -6.51 -16.95
CA ASN B 534 -58.76 -7.80 -16.92
C ASN B 534 -59.94 -7.78 -15.94
N ALA B 535 -59.80 -7.00 -14.87
CA ALA B 535 -60.84 -6.81 -13.87
C ALA B 535 -61.73 -5.62 -14.28
#